data_3TFU
#
_entry.id   3TFU
#
_cell.length_a   62.616
_cell.length_b   66.312
_cell.length_c   201.279
_cell.angle_alpha   90.00
_cell.angle_beta   90.00
_cell.angle_gamma   90.00
#
_symmetry.space_group_name_H-M   'P 21 21 21'
#
loop_
_entity.id
_entity.type
_entity.pdbx_description
1 polymer 'Adenosylmethionine-8-amino-7-oxononanoate aminotransferase'
2 non-polymer '[5-hydroxy-4-({[6-(3-hydroxypropyl)-2-oxo-1,2-dihydropyridin-3-yl]amino}methyl)-6-methylpyridin-3-yl]methyl dihydrogen phosphate'
3 non-polymer 'DIMETHYL SULFOXIDE'
4 water water
#
_entity_poly.entity_id   1
_entity_poly.type   'polypeptide(L)'
_entity_poly.pdbx_seq_one_letter_code
;MGSSHHHHHHSSGLVPRGSHMAAATGGLTPEQIIAVDGAHLWHPYSSIGREAVSPVVAVAAHGAWLTLIRDGQPIEVLDA
MSSWWTAIHGHGHPALDQALTTQLRVMNHVMFGGLTHEPAARLAKLLVDITPAGLDTVFFSDSGSVSVEVAAKMALQYWR
GRGLPGKRRLMTWRGGYHGDTFLAMSICDPHGGMHSLWTDVLAAQVFAPQVPRDYDPAYSAAFEAQLAQHAGELAAVVVE
PVVQGAGGMRFHDPRYLHDLRDICRRYEVLLIFDEIATGFGRTGALFAADHAGVSPDIMCVGKALTGGYLSLAATLCTAD
VAHTISAGAAGALMHGPTFMANPLACAVSVASVELLLGQDWRTRITELAAGLTAGLDTARALPAVTDVRVCGAIGVIECD
RPVDLAVATPAALDRGVWLRPFRNLVYAMPPYICTPAEITQITSAMVEVARLVGSLP
;
_entity_poly.pdbx_strand_id   A,B
#
# COMPACT_ATOMS: atom_id res chain seq x y z
N GLY A 27 8.19 25.50 -5.83
CA GLY A 27 9.23 24.72 -6.46
C GLY A 27 10.55 24.78 -5.72
N LEU A 28 11.44 23.83 -5.99
CA LEU A 28 12.74 23.77 -5.34
C LEU A 28 13.86 23.50 -6.33
N THR A 29 15.02 24.10 -6.08
CA THR A 29 16.21 23.82 -6.86
C THR A 29 16.80 22.50 -6.36
N PRO A 30 17.66 21.87 -7.18
CA PRO A 30 18.34 20.64 -6.74
C PRO A 30 19.05 20.80 -5.39
N GLU A 31 19.64 21.97 -5.13
CA GLU A 31 20.29 22.21 -3.85
C GLU A 31 19.28 22.17 -2.71
N GLN A 32 18.16 22.86 -2.89
CA GLN A 32 17.10 22.91 -1.89
C GLN A 32 16.45 21.54 -1.68
N ILE A 33 16.36 20.76 -2.76
CA ILE A 33 15.84 19.41 -2.67
C ILE A 33 16.74 18.55 -1.78
N ILE A 34 18.04 18.63 -2.00
CA ILE A 34 19.00 17.87 -1.20
C ILE A 34 18.99 18.29 0.26
N ALA A 35 18.81 19.59 0.51
CA ALA A 35 18.76 20.11 1.87
C ALA A 35 17.51 19.60 2.61
N VAL A 36 16.36 19.68 1.94
CA VAL A 36 15.13 19.16 2.51
C VAL A 36 15.23 17.65 2.71
N ASP A 37 15.72 16.97 1.67
CA ASP A 37 15.86 15.52 1.72
C ASP A 37 16.68 15.08 2.92
N GLY A 38 17.83 15.71 3.10
CA GLY A 38 18.73 15.36 4.18
C GLY A 38 18.12 15.55 5.55
N ALA A 39 17.31 16.59 5.71
CA ALA A 39 16.74 16.91 7.00
C ALA A 39 15.47 16.12 7.33
N HIS A 40 14.64 15.88 6.31
CA HIS A 40 13.27 15.43 6.57
C HIS A 40 12.81 14.12 5.92
N LEU A 41 13.60 13.55 5.02
CA LEU A 41 13.11 12.37 4.27
C LEU A 41 13.80 11.05 4.63
N TRP A 42 13.00 10.06 5.00
CA TRP A 42 13.48 8.69 5.13
C TRP A 42 13.53 8.08 3.76
N HIS A 43 14.59 7.33 3.48
CA HIS A 43 14.66 6.54 2.25
C HIS A 43 14.58 5.07 2.63
N PRO A 44 14.42 4.18 1.64
CA PRO A 44 14.25 2.76 1.98
C PRO A 44 15.43 2.24 2.80
N TYR A 45 15.16 1.60 3.92
CA TYR A 45 16.20 0.97 4.73
C TYR A 45 17.41 1.88 4.94
N SER A 46 17.14 3.13 5.28
CA SER A 46 18.22 4.09 5.45
C SER A 46 18.13 4.79 6.79
N SER A 47 19.07 5.69 7.03
CA SER A 47 19.10 6.45 8.27
C SER A 47 18.77 7.90 7.97
N ILE A 48 18.60 8.68 9.02
CA ILE A 48 18.50 10.12 8.91
C ILE A 48 19.80 10.70 9.44
N GLY A 49 20.55 11.39 8.59
CA GLY A 49 21.76 12.06 9.01
C GLY A 49 23.03 11.22 8.94
N ARG A 50 22.90 9.93 8.66
CA ARG A 50 24.05 9.04 8.69
C ARG A 50 24.31 8.32 7.37
N GLU A 51 23.74 8.84 6.29
CA GLU A 51 23.92 8.24 4.96
C GLU A 51 25.34 8.49 4.44
N ALA A 52 26.06 7.41 4.16
CA ALA A 52 27.40 7.50 3.58
C ALA A 52 27.33 8.18 2.23
N VAL A 53 26.31 7.83 1.46
CA VAL A 53 26.11 8.41 0.14
C VAL A 53 24.76 9.14 0.09
N SER A 54 24.80 10.42 -0.26
CA SER A 54 23.57 11.21 -0.38
C SER A 54 22.78 10.80 -1.63
N PRO A 55 21.45 10.86 -1.54
CA PRO A 55 20.60 10.55 -2.69
C PRO A 55 20.89 11.51 -3.84
N VAL A 56 20.76 11.02 -5.06
CA VAL A 56 20.93 11.84 -6.25
C VAL A 56 19.58 12.39 -6.69
N VAL A 57 19.54 13.66 -7.06
CA VAL A 57 18.30 14.27 -7.51
C VAL A 57 17.90 13.80 -8.91
N ALA A 58 16.71 13.22 -9.03
CA ALA A 58 16.13 12.87 -10.31
C ALA A 58 15.12 13.94 -10.72
N VAL A 59 15.27 14.47 -11.94
CA VAL A 59 14.42 15.58 -12.36
C VAL A 59 13.49 15.19 -13.50
N ALA A 60 13.77 14.07 -14.15
CA ALA A 60 12.95 13.62 -15.26
C ALA A 60 13.18 12.16 -15.59
N ALA A 61 12.22 11.56 -16.27
CA ALA A 61 12.33 10.19 -16.74
C ALA A 61 11.51 10.02 -18.02
N HIS A 62 12.14 9.46 -19.05
CA HIS A 62 11.46 9.22 -20.31
CA HIS A 62 11.45 9.21 -20.31
C HIS A 62 12.05 8.01 -21.03
N GLY A 63 11.20 7.08 -21.42
CA GLY A 63 11.68 5.85 -22.05
C GLY A 63 12.52 5.07 -21.05
N ALA A 64 13.67 4.57 -21.51
CA ALA A 64 14.55 3.79 -20.65
C ALA A 64 15.50 4.65 -19.84
N TRP A 65 15.34 5.97 -19.95
CA TRP A 65 16.33 6.90 -19.40
C TRP A 65 15.82 7.75 -18.24
N LEU A 66 16.69 7.96 -17.25
CA LEU A 66 16.43 8.88 -16.16
C LEU A 66 17.33 10.09 -16.32
N THR A 67 16.81 11.27 -15.99
CA THR A 67 17.64 12.46 -15.95
C THR A 67 17.99 12.79 -14.50
N LEU A 68 19.28 12.69 -14.18
CA LEU A 68 19.74 12.87 -12.81
C LEU A 68 20.72 14.03 -12.71
N ILE A 69 20.86 14.60 -11.52
CA ILE A 69 21.79 15.69 -11.29
C ILE A 69 23.07 15.18 -10.66
N ARG A 70 24.16 15.26 -11.43
CA ARG A 70 25.47 14.84 -10.95
C ARG A 70 26.42 16.04 -10.97
N ASP A 71 26.98 16.37 -9.81
CA ASP A 71 27.84 17.55 -9.70
C ASP A 71 27.12 18.78 -10.25
N GLY A 72 25.81 18.83 -10.07
CA GLY A 72 25.03 19.96 -10.52
C GLY A 72 24.69 19.91 -12.00
N GLN A 73 25.23 18.92 -12.72
CA GLN A 73 24.93 18.78 -14.14
C GLN A 73 23.85 17.74 -14.36
N PRO A 74 22.80 18.12 -15.11
CA PRO A 74 21.77 17.16 -15.51
C PRO A 74 22.37 16.19 -16.52
N ILE A 75 22.24 14.89 -16.26
CA ILE A 75 22.72 13.87 -17.18
C ILE A 75 21.69 12.77 -17.35
N GLU A 76 21.64 12.19 -18.54
CA GLU A 76 20.72 11.10 -18.80
C GLU A 76 21.43 9.77 -18.58
N VAL A 77 20.77 8.88 -17.84
CA VAL A 77 21.31 7.56 -17.56
C VAL A 77 20.23 6.49 -17.75
N LEU A 78 20.68 5.29 -18.11
CA LEU A 78 19.76 4.19 -18.33
C LEU A 78 19.24 3.62 -17.02
N ASP A 79 17.92 3.45 -16.94
CA ASP A 79 17.27 2.85 -15.77
C ASP A 79 17.41 1.34 -15.85
N ALA A 80 18.61 0.86 -15.55
CA ALA A 80 18.93 -0.56 -15.75
C ALA A 80 18.10 -1.49 -14.86
N MET A 81 17.55 -0.95 -13.77
CA MET A 81 16.74 -1.76 -12.85
C MET A 81 15.24 -1.67 -13.13
N SER A 82 14.86 -0.90 -14.15
CA SER A 82 13.45 -0.62 -14.43
C SER A 82 12.75 -0.07 -13.20
N SER A 83 13.47 0.73 -12.42
CA SER A 83 12.91 1.25 -11.16
C SER A 83 12.32 0.09 -10.36
N TRP A 84 13.12 -0.93 -10.16
CA TRP A 84 12.71 -2.14 -9.44
C TRP A 84 11.60 -2.94 -10.12
N TRP A 85 11.89 -3.42 -11.32
CA TRP A 85 11.02 -4.34 -12.05
C TRP A 85 9.76 -3.67 -12.61
N THR A 86 9.53 -2.41 -12.29
CA THR A 86 8.25 -1.77 -12.62
C THR A 86 8.12 -1.22 -14.04
N ALA A 87 9.16 -0.53 -14.51
CA ALA A 87 9.07 0.26 -15.74
C ALA A 87 9.27 -0.57 -17.01
N ILE A 88 8.50 -1.62 -17.18
CA ILE A 88 8.70 -2.53 -18.31
C ILE A 88 8.53 -1.87 -19.69
N HIS A 89 7.68 -0.85 -19.79
CA HIS A 89 7.49 -0.13 -21.04
C HIS A 89 8.28 1.18 -21.06
N GLY A 90 9.20 1.32 -20.12
CA GLY A 90 9.91 2.57 -19.94
C GLY A 90 9.00 3.64 -19.35
N HIS A 91 9.57 4.79 -19.03
CA HIS A 91 8.81 5.87 -18.42
C HIS A 91 8.12 6.74 -19.47
N GLY A 92 7.01 7.35 -19.09
CA GLY A 92 6.28 8.25 -19.97
C GLY A 92 5.96 7.66 -21.33
N HIS A 93 5.55 6.40 -21.35
CA HIS A 93 5.13 5.78 -22.60
C HIS A 93 3.81 6.42 -23.01
N PRO A 94 3.71 6.90 -24.25
CA PRO A 94 2.55 7.66 -24.71
C PRO A 94 1.22 6.95 -24.48
N ALA A 95 1.18 5.63 -24.67
CA ALA A 95 -0.06 4.88 -24.52
C ALA A 95 -0.53 4.86 -23.07
N LEU A 96 0.41 4.72 -22.14
CA LEU A 96 0.07 4.64 -20.73
C LEU A 96 -0.31 6.03 -20.20
N ASP A 97 0.46 7.03 -20.59
CA ASP A 97 0.14 8.42 -20.23
C ASP A 97 -1.29 8.75 -20.65
N GLN A 98 -1.66 8.30 -21.84
CA GLN A 98 -2.98 8.59 -22.39
C GLN A 98 -4.08 7.90 -21.62
N ALA A 99 -3.87 6.63 -21.29
CA ALA A 99 -4.84 5.86 -20.52
C ALA A 99 -5.12 6.54 -19.19
N LEU A 100 -4.07 7.08 -18.58
CA LEU A 100 -4.21 7.75 -17.30
C LEU A 100 -4.99 9.05 -17.44
N THR A 101 -4.60 9.89 -18.39
CA THR A 101 -5.27 11.17 -18.59
C THR A 101 -6.72 11.00 -19.04
N THR A 102 -6.99 9.95 -19.82
CA THR A 102 -8.36 9.65 -20.23
C THR A 102 -9.26 9.32 -19.04
N GLN A 103 -8.75 8.52 -18.11
CA GLN A 103 -9.53 8.15 -16.93
C GLN A 103 -9.65 9.34 -15.98
N LEU A 104 -8.60 10.15 -15.91
CA LEU A 104 -8.58 11.31 -15.03
C LEU A 104 -9.72 12.28 -15.39
N ARG A 105 -10.01 12.39 -16.68
CA ARG A 105 -11.04 13.30 -17.15
C ARG A 105 -12.46 12.84 -16.78
N VAL A 106 -12.63 11.55 -16.51
CA VAL A 106 -13.98 11.03 -16.25
C VAL A 106 -14.23 10.68 -14.78
N MET A 107 -13.29 9.99 -14.14
CA MET A 107 -13.47 9.56 -12.76
C MET A 107 -12.14 9.19 -12.13
N ASN A 108 -11.66 10.04 -11.23
CA ASN A 108 -10.37 9.80 -10.59
C ASN A 108 -10.41 8.62 -9.63
N HIS A 109 -11.46 8.59 -8.80
CA HIS A 109 -11.60 7.53 -7.80
C HIS A 109 -12.99 7.52 -7.21
N VAL A 110 -13.47 6.33 -6.87
CA VAL A 110 -14.66 6.18 -6.05
C VAL A 110 -14.41 5.02 -5.10
N MET A 111 -15.12 5.01 -3.98
CA MET A 111 -14.98 3.93 -3.01
C MET A 111 -15.48 2.62 -3.61
N PHE A 112 -14.78 1.53 -3.31
CA PHE A 112 -15.13 0.22 -3.86
C PHE A 112 -16.13 -0.51 -2.97
N GLY A 113 -16.63 0.17 -1.94
CA GLY A 113 -17.65 -0.40 -1.08
C GLY A 113 -19.06 -0.09 -1.58
N GLY A 114 -19.68 -1.07 -2.24
CA GLY A 114 -21.02 -0.91 -2.77
C GLY A 114 -21.06 -0.36 -4.18
N LEU A 115 -19.90 0.09 -4.67
CA LEU A 115 -19.78 0.59 -6.03
C LEU A 115 -18.76 -0.22 -6.81
N THR A 116 -18.91 -0.24 -8.13
CA THR A 116 -17.92 -0.84 -8.99
C THR A 116 -17.73 0.05 -10.21
N HIS A 117 -16.75 -0.27 -11.06
CA HIS A 117 -16.47 0.59 -12.21
C HIS A 117 -15.74 -0.15 -13.34
N GLU A 118 -15.72 0.47 -14.51
CA GLU A 118 -15.18 -0.14 -15.72
C GLU A 118 -13.70 -0.55 -15.59
N PRO A 119 -12.84 0.37 -15.10
CA PRO A 119 -11.42 0.04 -14.95
C PRO A 119 -11.19 -1.24 -14.13
N ALA A 120 -11.82 -1.36 -12.97
CA ALA A 120 -11.65 -2.55 -12.15
C ALA A 120 -12.13 -3.80 -12.88
N ALA A 121 -13.30 -3.70 -13.51
CA ALA A 121 -13.87 -4.82 -14.24
C ALA A 121 -12.98 -5.23 -15.43
N ARG A 122 -12.54 -4.24 -16.19
CA ARG A 122 -11.71 -4.54 -17.36
C ARG A 122 -10.40 -5.20 -16.96
N LEU A 123 -9.79 -4.71 -15.87
CA LEU A 123 -8.52 -5.26 -15.40
C LEU A 123 -8.70 -6.67 -14.83
N ALA A 124 -9.75 -6.86 -14.03
CA ALA A 124 -10.02 -8.17 -13.45
C ALA A 124 -10.21 -9.22 -14.53
N LYS A 125 -11.01 -8.89 -15.54
CA LYS A 125 -11.27 -9.77 -16.68
C LYS A 125 -9.97 -10.14 -17.39
N LEU A 126 -9.11 -9.14 -17.56
CA LEU A 126 -7.84 -9.31 -18.23
C LEU A 126 -6.91 -10.23 -17.42
N LEU A 127 -6.81 -9.99 -16.12
CA LEU A 127 -5.93 -10.76 -15.25
C LEU A 127 -6.40 -12.20 -15.10
N VAL A 128 -7.71 -12.38 -15.02
CA VAL A 128 -8.27 -13.73 -14.91
C VAL A 128 -7.98 -14.53 -16.18
N ASP A 129 -7.96 -13.85 -17.32
CA ASP A 129 -7.76 -14.52 -18.60
C ASP A 129 -6.29 -14.89 -18.88
N ILE A 130 -5.35 -14.07 -18.41
CA ILE A 130 -3.94 -14.27 -18.76
C ILE A 130 -3.11 -14.97 -17.68
N THR A 131 -3.69 -15.17 -16.51
CA THR A 131 -2.98 -15.84 -15.43
C THR A 131 -3.16 -17.36 -15.53
N PRO A 132 -2.30 -18.13 -14.84
CA PRO A 132 -2.43 -19.59 -14.90
C PRO A 132 -3.86 -20.04 -14.68
N ALA A 133 -4.27 -21.12 -15.35
CA ALA A 133 -5.65 -21.58 -15.30
C ALA A 133 -6.13 -21.77 -13.87
N GLY A 134 -7.41 -21.45 -13.63
CA GLY A 134 -8.01 -21.70 -12.33
C GLY A 134 -8.20 -20.46 -11.47
N LEU A 135 -7.41 -19.43 -11.71
CA LEU A 135 -7.49 -18.21 -10.92
C LEU A 135 -8.57 -17.28 -11.50
N ASP A 136 -9.74 -17.27 -10.89
CA ASP A 136 -10.85 -16.49 -11.45
C ASP A 136 -11.48 -15.45 -10.53
N THR A 137 -10.82 -15.14 -9.41
CA THR A 137 -11.24 -14.03 -8.57
C THR A 137 -10.07 -13.10 -8.24
N VAL A 138 -10.35 -11.82 -8.10
CA VAL A 138 -9.28 -10.83 -7.99
C VAL A 138 -9.53 -9.86 -6.84
N PHE A 139 -8.56 -9.77 -5.93
CA PHE A 139 -8.63 -8.81 -4.84
C PHE A 139 -7.57 -7.75 -5.06
N PHE A 140 -7.99 -6.52 -5.32
CA PHE A 140 -7.02 -5.45 -5.53
C PHE A 140 -6.55 -4.87 -4.21
N SER A 141 -5.26 -4.55 -4.13
CA SER A 141 -4.73 -3.82 -2.99
C SER A 141 -3.73 -2.77 -3.46
N ASP A 142 -3.14 -2.03 -2.52
CA ASP A 142 -2.32 -0.87 -2.86
CA ASP A 142 -2.32 -0.88 -2.87
C ASP A 142 -0.82 -1.15 -2.93
N SER A 143 -0.39 -2.35 -2.53
CA SER A 143 1.04 -2.66 -2.59
C SER A 143 1.31 -4.17 -2.51
N GLY A 144 2.52 -4.56 -2.92
CA GLY A 144 2.90 -5.96 -2.91
C GLY A 144 2.81 -6.59 -1.54
N SER A 145 3.33 -5.91 -0.53
CA SER A 145 3.31 -6.43 0.84
C SER A 145 1.88 -6.71 1.30
N VAL A 146 0.97 -5.79 0.99
CA VAL A 146 -0.42 -5.97 1.35
C VAL A 146 -1.03 -7.15 0.59
N SER A 147 -0.71 -7.28 -0.69
CA SER A 147 -1.27 -8.39 -1.47
C SER A 147 -0.81 -9.74 -0.92
N VAL A 148 0.42 -9.78 -0.39
CA VAL A 148 0.92 -10.99 0.25
C VAL A 148 0.14 -11.30 1.53
N GLU A 149 -0.17 -10.26 2.30
CA GLU A 149 -0.96 -10.43 3.51
C GLU A 149 -2.37 -10.90 3.17
N VAL A 150 -2.94 -10.38 2.09
CA VAL A 150 -4.25 -10.82 1.63
C VAL A 150 -4.17 -12.31 1.24
N ALA A 151 -3.11 -12.68 0.54
CA ALA A 151 -2.94 -14.08 0.18
C ALA A 151 -2.91 -14.96 1.42
N ALA A 152 -2.20 -14.50 2.45
CA ALA A 152 -2.13 -15.23 3.71
C ALA A 152 -3.50 -15.35 4.36
N LYS A 153 -4.24 -14.23 4.43
CA LYS A 153 -5.59 -14.24 4.97
C LYS A 153 -6.48 -15.23 4.25
N MET A 154 -6.41 -15.22 2.92
CA MET A 154 -7.19 -16.15 2.12
C MET A 154 -6.93 -17.59 2.55
N ALA A 155 -5.66 -17.93 2.66
CA ALA A 155 -5.25 -19.28 3.04
C ALA A 155 -5.76 -19.67 4.44
N LEU A 156 -5.57 -18.76 5.39
CA LEU A 156 -6.02 -19.02 6.76
C LEU A 156 -7.54 -19.12 6.84
N GLN A 157 -8.25 -18.22 6.19
CA GLN A 157 -9.71 -18.28 6.20
C GLN A 157 -10.22 -19.51 5.45
N TYR A 158 -9.52 -19.90 4.40
CA TYR A 158 -9.88 -21.11 3.66
C TYR A 158 -9.97 -22.30 4.60
N TRP A 159 -8.94 -22.49 5.41
CA TRP A 159 -8.89 -23.65 6.30
C TRP A 159 -9.85 -23.51 7.48
N ARG A 160 -10.06 -22.29 7.96
CA ARG A 160 -11.09 -22.08 8.97
C ARG A 160 -12.45 -22.47 8.41
N GLY A 161 -12.64 -22.21 7.12
CA GLY A 161 -13.87 -22.56 6.43
C GLY A 161 -14.00 -24.05 6.21
N ARG A 162 -12.88 -24.77 6.29
CA ARG A 162 -12.89 -26.23 6.17
C ARG A 162 -12.98 -26.90 7.54
N GLY A 163 -12.95 -26.09 8.60
CA GLY A 163 -12.99 -26.61 9.95
C GLY A 163 -11.63 -27.10 10.44
N LEU A 164 -10.56 -26.49 9.93
CA LEU A 164 -9.21 -26.85 10.34
C LEU A 164 -8.41 -25.59 10.70
N PRO A 165 -8.84 -24.89 11.76
CA PRO A 165 -8.20 -23.63 12.16
C PRO A 165 -6.76 -23.83 12.64
N GLY A 166 -6.37 -25.08 12.86
CA GLY A 166 -5.02 -25.39 13.28
C GLY A 166 -4.01 -25.17 12.16
N LYS A 167 -4.49 -25.17 10.92
CA LYS A 167 -3.62 -24.91 9.78
C LYS A 167 -3.44 -23.41 9.62
N ARG A 168 -2.43 -22.86 10.29
CA ARG A 168 -2.27 -21.42 10.35
C ARG A 168 -0.84 -20.93 10.06
N ARG A 169 0.10 -21.85 9.91
CA ARG A 169 1.47 -21.45 9.64
C ARG A 169 1.76 -21.46 8.15
N LEU A 170 2.84 -20.81 7.76
CA LEU A 170 3.27 -20.79 6.36
C LEU A 170 4.60 -21.51 6.24
N MET A 171 4.84 -22.08 5.08
CA MET A 171 6.12 -22.71 4.79
C MET A 171 6.70 -22.12 3.51
N THR A 172 8.00 -21.85 3.52
CA THR A 172 8.67 -21.36 2.34
C THR A 172 10.09 -21.90 2.31
N TRP A 173 10.81 -21.65 1.23
CA TRP A 173 12.23 -22.01 1.19
C TRP A 173 13.07 -20.75 1.40
N ARG A 174 14.33 -20.94 1.79
CA ARG A 174 15.19 -19.79 2.08
C ARG A 174 15.56 -19.02 0.82
N GLY A 175 16.06 -17.81 1.00
CA GLY A 175 16.47 -16.98 -0.12
C GLY A 175 15.34 -16.13 -0.69
N GLY A 176 14.16 -16.21 -0.07
CA GLY A 176 13.00 -15.51 -0.58
C GLY A 176 12.77 -14.13 0.01
N TYR A 177 11.93 -13.35 -0.65
CA TYR A 177 11.53 -12.03 -0.14
C TYR A 177 10.10 -11.73 -0.59
N HIS A 178 9.26 -11.29 0.34
CA HIS A 178 7.85 -11.09 0.05
C HIS A 178 7.28 -9.78 0.60
N GLY A 179 8.15 -8.82 0.92
CA GLY A 179 7.68 -7.54 1.43
C GLY A 179 8.06 -7.30 2.88
N ASP A 180 7.65 -6.16 3.42
CA ASP A 180 8.14 -5.77 4.74
C ASP A 180 7.09 -5.39 5.79
N THR A 181 5.83 -5.69 5.52
CA THR A 181 4.83 -5.68 6.59
C THR A 181 5.15 -6.89 7.46
N PHE A 182 4.63 -6.90 8.69
CA PHE A 182 5.07 -7.90 9.66
C PHE A 182 4.82 -9.34 9.27
N LEU A 183 3.67 -9.62 8.63
CA LEU A 183 3.41 -10.99 8.19
C LEU A 183 4.28 -11.35 7.00
N ALA A 184 4.44 -10.40 6.07
CA ALA A 184 5.29 -10.60 4.91
C ALA A 184 6.72 -10.88 5.34
N MET A 185 7.19 -10.13 6.33
CA MET A 185 8.54 -10.32 6.87
C MET A 185 8.78 -11.72 7.41
N SER A 186 7.74 -12.33 7.98
CA SER A 186 7.89 -13.64 8.61
C SER A 186 8.26 -14.74 7.63
N ILE A 187 8.00 -14.52 6.34
CA ILE A 187 8.36 -15.49 5.31
C ILE A 187 9.54 -15.04 4.46
N CYS A 188 10.13 -13.90 4.81
CA CYS A 188 11.35 -13.44 4.15
CA CYS A 188 11.34 -13.46 4.14
C CYS A 188 12.54 -14.24 4.69
N ASP A 189 13.54 -14.46 3.84
CA ASP A 189 14.74 -15.15 4.26
C ASP A 189 15.35 -14.45 5.47
N PRO A 190 15.46 -15.18 6.59
CA PRO A 190 16.09 -14.59 7.77
C PRO A 190 17.56 -14.32 7.50
N HIS A 191 17.94 -13.05 7.38
CA HIS A 191 19.30 -12.61 7.09
C HIS A 191 19.23 -11.19 6.53
N LEU A 202 8.02 -11.53 15.25
CA LEU A 202 7.60 -12.14 13.99
C LEU A 202 7.00 -13.52 14.23
N ALA A 203 6.01 -13.86 13.41
CA ALA A 203 5.50 -15.23 13.39
C ALA A 203 6.64 -16.14 13.00
N ALA A 204 6.80 -17.25 13.70
CA ALA A 204 7.83 -18.23 13.35
C ALA A 204 7.28 -19.17 12.31
N GLN A 205 7.77 -19.06 11.09
CA GLN A 205 7.26 -19.87 9.98
C GLN A 205 8.19 -21.05 9.74
N VAL A 206 7.84 -21.90 8.78
CA VAL A 206 8.65 -23.06 8.47
C VAL A 206 9.52 -22.78 7.26
N PHE A 207 10.83 -22.90 7.42
CA PHE A 207 11.76 -22.66 6.32
C PHE A 207 12.45 -23.94 5.83
N ALA A 208 12.28 -24.25 4.56
CA ALA A 208 13.06 -25.31 3.93
C ALA A 208 14.39 -24.73 3.46
N PRO A 209 15.35 -25.61 3.12
CA PRO A 209 16.66 -25.13 2.68
C PRO A 209 16.58 -24.31 1.39
N GLN A 210 17.59 -23.48 1.15
CA GLN A 210 17.72 -22.75 -0.11
C GLN A 210 17.55 -23.70 -1.29
N VAL A 211 16.63 -23.37 -2.19
CA VAL A 211 16.43 -24.19 -3.38
C VAL A 211 17.62 -23.99 -4.32
N PRO A 212 18.17 -25.09 -4.85
CA PRO A 212 19.35 -25.02 -5.71
C PRO A 212 18.98 -24.55 -7.10
N ARG A 213 19.97 -24.11 -7.88
CA ARG A 213 19.72 -23.70 -9.26
C ARG A 213 19.31 -24.90 -10.12
N ASP A 214 20.15 -25.93 -10.14
CA ASP A 214 19.87 -27.11 -10.93
C ASP A 214 18.94 -28.06 -10.20
N TYR A 215 18.11 -28.78 -10.97
CA TYR A 215 17.11 -29.67 -10.39
C TYR A 215 17.70 -30.91 -9.73
N ASP A 216 17.43 -31.06 -8.44
CA ASP A 216 17.86 -32.23 -7.68
C ASP A 216 16.66 -32.84 -6.98
N PRO A 217 16.21 -34.02 -7.44
CA PRO A 217 15.03 -34.68 -6.88
C PRO A 217 15.13 -34.85 -5.37
N ALA A 218 16.36 -34.92 -4.87
CA ALA A 218 16.60 -35.07 -3.44
C ALA A 218 16.10 -33.86 -2.68
N TYR A 219 16.24 -32.68 -3.25
CA TYR A 219 15.77 -31.47 -2.59
C TYR A 219 14.27 -31.55 -2.36
N SER A 220 13.55 -31.98 -3.38
CA SER A 220 12.08 -32.06 -3.33
C SER A 220 11.61 -33.12 -2.35
N ALA A 221 12.33 -34.24 -2.30
CA ALA A 221 11.99 -35.31 -1.36
C ALA A 221 12.10 -34.80 0.06
N ALA A 222 13.19 -34.11 0.36
CA ALA A 222 13.40 -33.55 1.70
C ALA A 222 12.38 -32.47 2.02
N PHE A 223 12.02 -31.66 1.03
CA PHE A 223 11.02 -30.63 1.21
C PHE A 223 9.72 -31.28 1.65
N GLU A 224 9.33 -32.32 0.91
CA GLU A 224 8.11 -33.07 1.22
C GLU A 224 8.13 -33.60 2.64
N ALA A 225 9.27 -34.18 3.05
CA ALA A 225 9.40 -34.75 4.37
C ALA A 225 9.24 -33.71 5.46
N GLN A 226 9.83 -32.53 5.26
CA GLN A 226 9.70 -31.44 6.23
C GLN A 226 8.25 -30.97 6.29
N LEU A 227 7.66 -30.78 5.12
CA LEU A 227 6.27 -30.33 5.05
C LEU A 227 5.34 -31.36 5.68
N ALA A 228 5.59 -32.63 5.36
CA ALA A 228 4.76 -33.72 5.86
C ALA A 228 4.56 -33.64 7.38
N GLN A 229 5.64 -33.40 8.10
CA GLN A 229 5.56 -33.38 9.56
C GLN A 229 4.85 -32.13 10.08
N HIS A 230 4.72 -31.12 9.23
CA HIS A 230 4.05 -29.88 9.62
C HIS A 230 2.67 -29.72 8.99
N ALA A 231 2.29 -30.67 8.14
CA ALA A 231 1.06 -30.54 7.35
C ALA A 231 -0.16 -30.06 8.15
N GLY A 232 -0.40 -30.68 9.30
CA GLY A 232 -1.58 -30.36 10.10
C GLY A 232 -1.52 -28.96 10.67
N GLU A 233 -0.38 -28.32 10.51
CA GLU A 233 -0.10 -27.01 11.08
C GLU A 233 -0.01 -25.95 9.99
N LEU A 234 0.02 -26.39 8.73
CA LEU A 234 0.34 -25.51 7.60
C LEU A 234 -0.88 -25.12 6.79
N ALA A 235 -1.03 -23.83 6.55
CA ALA A 235 -2.10 -23.32 5.70
C ALA A 235 -1.64 -23.27 4.25
N ALA A 236 -0.37 -22.96 4.04
CA ALA A 236 0.12 -22.77 2.69
C ALA A 236 1.63 -22.80 2.57
N VAL A 237 2.08 -23.15 1.36
CA VAL A 237 3.46 -22.94 0.96
C VAL A 237 3.47 -21.65 0.13
N VAL A 238 4.42 -20.77 0.40
CA VAL A 238 4.54 -19.51 -0.33
CA VAL A 238 4.53 -19.53 -0.35
C VAL A 238 5.95 -19.35 -0.88
N VAL A 239 6.06 -19.21 -2.19
CA VAL A 239 7.37 -19.03 -2.82
C VAL A 239 7.30 -18.09 -4.02
N GLU A 240 8.47 -17.56 -4.40
CA GLU A 240 8.65 -16.89 -5.68
C GLU A 240 9.00 -17.96 -6.71
N PRO A 241 8.19 -18.07 -7.77
CA PRO A 241 8.46 -19.09 -8.79
C PRO A 241 9.62 -18.72 -9.71
N VAL A 242 10.56 -19.65 -9.86
CA VAL A 242 11.68 -19.57 -10.81
C VAL A 242 12.76 -18.55 -10.44
N VAL A 243 12.35 -17.35 -10.05
CA VAL A 243 13.31 -16.30 -9.72
C VAL A 243 13.04 -15.69 -8.35
N GLN A 244 14.04 -15.77 -7.48
CA GLN A 244 13.99 -15.08 -6.19
C GLN A 244 14.72 -13.76 -6.36
N GLY A 245 13.99 -12.66 -6.21
CA GLY A 245 14.52 -11.34 -6.49
C GLY A 245 15.33 -10.73 -5.37
N ALA A 246 14.65 -10.00 -4.48
CA ALA A 246 15.31 -9.23 -3.44
C ALA A 246 16.16 -10.08 -2.51
N GLY A 247 15.87 -11.38 -2.45
CA GLY A 247 16.58 -12.29 -1.58
C GLY A 247 17.94 -12.72 -2.09
N GLY A 248 18.33 -12.25 -3.26
CA GLY A 248 19.65 -12.56 -3.81
C GLY A 248 19.67 -12.93 -5.28
N MET A 249 18.63 -12.56 -6.01
CA MET A 249 18.59 -12.78 -7.46
C MET A 249 19.03 -14.18 -7.87
N ARG A 250 18.45 -15.19 -7.23
CA ARG A 250 18.76 -16.58 -7.56
C ARG A 250 17.71 -17.17 -8.48
N PHE A 251 18.15 -18.01 -9.42
CA PHE A 251 17.24 -18.73 -10.30
C PHE A 251 17.18 -20.19 -9.87
N HIS A 252 16.03 -20.82 -10.05
CA HIS A 252 15.92 -22.25 -9.79
C HIS A 252 15.12 -22.94 -10.88
N ASP A 253 15.42 -24.21 -11.11
CA ASP A 253 14.74 -24.98 -12.14
C ASP A 253 13.24 -25.00 -11.89
N PRO A 254 12.45 -24.68 -12.92
CA PRO A 254 10.99 -24.61 -12.83
C PRO A 254 10.37 -25.94 -12.39
N ARG A 255 11.09 -27.03 -12.56
CA ARG A 255 10.57 -28.35 -12.17
C ARG A 255 10.27 -28.42 -10.67
N TYR A 256 11.03 -27.67 -9.87
CA TYR A 256 10.78 -27.61 -8.44
C TYR A 256 9.35 -27.17 -8.14
N LEU A 257 8.81 -26.31 -9.00
CA LEU A 257 7.47 -25.77 -8.83
C LEU A 257 6.44 -26.86 -9.12
N HIS A 258 6.77 -27.72 -10.08
CA HIS A 258 5.94 -28.87 -10.38
C HIS A 258 5.89 -29.78 -9.16
N ASP A 259 7.04 -29.96 -8.51
CA ASP A 259 7.09 -30.77 -7.30
C ASP A 259 6.28 -30.15 -6.16
N LEU A 260 6.42 -28.84 -5.96
CA LEU A 260 5.66 -28.16 -4.91
C LEU A 260 4.16 -28.34 -5.10
N ARG A 261 3.68 -28.18 -6.32
CA ARG A 261 2.27 -28.32 -6.62
C ARG A 261 1.77 -29.71 -6.25
N ASP A 262 2.58 -30.72 -6.56
CA ASP A 262 2.24 -32.10 -6.26
C ASP A 262 2.24 -32.35 -4.75
N ILE A 263 3.29 -31.89 -4.08
CA ILE A 263 3.40 -32.04 -2.64
C ILE A 263 2.20 -31.39 -1.93
N CYS A 264 1.90 -30.16 -2.31
CA CYS A 264 0.80 -29.42 -1.69
C CYS A 264 -0.54 -30.13 -1.87
N ARG A 265 -0.77 -30.64 -3.07
CA ARG A 265 -2.02 -31.33 -3.35
C ARG A 265 -2.17 -32.59 -2.49
N ARG A 266 -1.09 -33.36 -2.38
CA ARG A 266 -1.14 -34.62 -1.64
C ARG A 266 -1.28 -34.43 -0.12
N TYR A 267 -0.71 -33.35 0.41
CA TYR A 267 -0.73 -33.12 1.85
C TYR A 267 -1.76 -32.08 2.29
N GLU A 268 -2.60 -31.64 1.37
CA GLU A 268 -3.66 -30.68 1.69
C GLU A 268 -3.12 -29.40 2.28
N VAL A 269 -2.20 -28.77 1.54
CA VAL A 269 -1.68 -27.46 1.88
C VAL A 269 -1.83 -26.62 0.61
N LEU A 270 -2.29 -25.38 0.76
CA LEU A 270 -2.45 -24.51 -0.42
C LEU A 270 -1.11 -24.06 -0.97
N LEU A 271 -1.08 -23.76 -2.26
CA LEU A 271 0.14 -23.25 -2.88
C LEU A 271 -0.05 -21.79 -3.28
N ILE A 272 0.85 -20.92 -2.81
CA ILE A 272 0.82 -19.51 -3.14
C ILE A 272 2.07 -19.11 -3.92
N PHE A 273 1.88 -18.58 -5.12
CA PHE A 273 2.98 -18.05 -5.90
C PHE A 273 3.02 -16.54 -5.79
N ASP A 274 4.15 -16.00 -5.35
CA ASP A 274 4.37 -14.57 -5.31
C ASP A 274 5.04 -14.13 -6.60
N GLU A 275 4.25 -13.66 -7.56
CA GLU A 275 4.81 -13.26 -8.86
C GLU A 275 4.88 -11.75 -8.99
N ILE A 276 5.02 -11.07 -7.85
CA ILE A 276 5.09 -9.62 -7.85
C ILE A 276 6.29 -9.09 -8.64
N ALA A 277 7.38 -9.85 -8.65
CA ALA A 277 8.56 -9.46 -9.42
C ALA A 277 8.66 -10.17 -10.77
N THR A 278 8.19 -11.40 -10.83
CA THR A 278 8.38 -12.24 -12.02
C THR A 278 7.29 -12.08 -13.08
N GLY A 279 6.20 -11.43 -12.74
CA GLY A 279 5.04 -11.37 -13.62
C GLY A 279 5.25 -10.60 -14.91
N PHE A 280 4.30 -10.77 -15.83
CA PHE A 280 4.22 -9.98 -17.06
C PHE A 280 5.47 -10.05 -17.95
N GLY A 281 5.91 -11.26 -18.25
CA GLY A 281 6.93 -11.49 -19.27
C GLY A 281 8.37 -11.48 -18.83
N ARG A 282 8.64 -10.99 -17.63
CA ARG A 282 10.00 -10.71 -17.17
C ARG A 282 10.97 -11.89 -17.32
N THR A 283 10.52 -13.10 -17.04
CA THR A 283 11.40 -14.27 -17.07
C THR A 283 11.34 -15.06 -18.38
N GLY A 284 10.63 -14.55 -19.38
CA GLY A 284 10.54 -15.22 -20.66
C GLY A 284 9.22 -15.95 -20.86
N ALA A 285 8.43 -16.01 -19.81
CA ALA A 285 7.06 -16.51 -19.88
C ALA A 285 6.15 -15.42 -19.33
N LEU A 286 4.87 -15.44 -19.69
CA LEU A 286 3.97 -14.40 -19.25
C LEU A 286 3.99 -14.32 -17.72
N PHE A 287 3.87 -15.48 -17.08
CA PHE A 287 4.10 -15.61 -15.64
C PHE A 287 5.04 -16.77 -15.40
N ALA A 288 5.93 -16.62 -14.41
CA ALA A 288 7.00 -17.59 -14.20
C ALA A 288 6.43 -19.00 -14.02
N ALA A 289 5.25 -19.08 -13.44
CA ALA A 289 4.58 -20.37 -13.24
C ALA A 289 4.43 -21.11 -14.56
N ASP A 290 4.29 -20.35 -15.65
CA ASP A 290 4.06 -20.94 -16.96
C ASP A 290 5.27 -21.75 -17.44
N HIS A 291 6.44 -21.45 -16.89
CA HIS A 291 7.65 -22.23 -17.17
C HIS A 291 7.47 -23.67 -16.70
N ALA A 292 6.74 -23.84 -15.60
CA ALA A 292 6.52 -25.15 -15.01
C ALA A 292 5.17 -25.70 -15.43
N GLY A 293 4.33 -24.85 -15.99
CA GLY A 293 3.01 -25.25 -16.43
C GLY A 293 2.09 -25.62 -15.29
N VAL A 294 2.27 -24.99 -14.14
CA VAL A 294 1.43 -25.28 -12.98
C VAL A 294 0.64 -24.06 -12.52
N SER A 295 -0.44 -24.30 -11.80
CA SER A 295 -1.30 -23.23 -11.30
C SER A 295 -1.35 -23.29 -9.78
N PRO A 296 -1.03 -22.15 -9.13
CA PRO A 296 -1.13 -22.11 -7.66
C PRO A 296 -2.59 -21.97 -7.28
N ASP A 297 -2.89 -22.08 -5.99
CA ASP A 297 -4.25 -21.84 -5.50
C ASP A 297 -4.48 -20.34 -5.35
N ILE A 298 -3.41 -19.63 -5.05
CA ILE A 298 -3.44 -18.19 -4.83
C ILE A 298 -2.20 -17.57 -5.49
N MET A 299 -2.34 -16.35 -5.99
CA MET A 299 -1.24 -15.74 -6.70
C MET A 299 -1.22 -14.23 -6.46
N CYS A 300 -0.03 -13.68 -6.31
CA CYS A 300 0.13 -12.24 -6.11
C CYS A 300 0.84 -11.63 -7.31
N VAL A 301 0.34 -10.49 -7.79
CA VAL A 301 1.02 -9.72 -8.82
C VAL A 301 1.04 -8.25 -8.44
N GLY A 302 1.99 -7.51 -9.03
CA GLY A 302 2.13 -6.09 -8.75
C GLY A 302 3.19 -5.50 -9.66
N LYS A 303 3.93 -4.52 -9.15
CA LYS A 303 5.01 -3.88 -9.91
C LYS A 303 4.66 -3.60 -11.36
N ALA A 304 5.20 -4.41 -12.26
CA ALA A 304 4.99 -4.19 -13.70
C ALA A 304 3.50 -4.12 -14.07
N LEU A 305 2.63 -4.52 -13.15
CA LEU A 305 1.20 -4.44 -13.36
C LEU A 305 0.77 -3.07 -13.90
N THR A 306 1.27 -2.01 -13.29
CA THR A 306 0.86 -0.66 -13.67
C THR A 306 1.85 -0.01 -14.63
N GLY A 307 2.80 -0.80 -15.14
CA GLY A 307 3.85 -0.26 -15.97
C GLY A 307 4.74 0.67 -15.17
N GLY A 308 4.61 0.60 -13.85
CA GLY A 308 5.44 1.40 -12.96
C GLY A 308 5.00 2.85 -12.82
N TYR A 309 3.71 3.10 -13.06
CA TYR A 309 3.17 4.45 -12.95
C TYR A 309 2.65 4.75 -11.55
N LEU A 310 1.92 3.78 -10.99
CA LEU A 310 1.25 3.96 -9.72
C LEU A 310 1.31 2.66 -8.96
N SER A 311 1.15 2.72 -7.65
CA SER A 311 1.16 1.51 -6.83
CA SER A 311 1.16 1.50 -6.83
C SER A 311 -0.16 0.76 -6.93
N LEU A 312 -0.09 -0.51 -7.32
CA LEU A 312 -1.27 -1.36 -7.41
C LEU A 312 -0.76 -2.78 -7.35
N ALA A 313 -1.50 -3.63 -6.67
CA ALA A 313 -1.19 -5.05 -6.60
C ALA A 313 -2.51 -5.79 -6.61
N ALA A 314 -2.45 -7.09 -6.87
CA ALA A 314 -3.65 -7.91 -6.89
C ALA A 314 -3.34 -9.29 -6.37
N THR A 315 -4.31 -9.89 -5.69
CA THR A 315 -4.19 -11.26 -5.22
C THR A 315 -5.32 -12.03 -5.88
N LEU A 316 -4.98 -13.09 -6.59
CA LEU A 316 -5.99 -13.91 -7.23
C LEU A 316 -6.08 -15.24 -6.53
N CYS A 317 -7.28 -15.81 -6.50
CA CYS A 317 -7.46 -17.17 -5.99
C CYS A 317 -8.45 -17.96 -6.83
N THR A 318 -8.43 -19.27 -6.68
CA THR A 318 -9.34 -20.14 -7.40
C THR A 318 -10.77 -19.96 -6.91
N ALA A 319 -11.73 -20.47 -7.67
CA ALA A 319 -13.13 -20.44 -7.28
C ALA A 319 -13.33 -21.24 -5.99
N ASP A 320 -12.61 -22.35 -5.87
CA ASP A 320 -12.70 -23.19 -4.69
C ASP A 320 -12.32 -22.42 -3.44
N VAL A 321 -11.22 -21.68 -3.49
CA VAL A 321 -10.78 -20.89 -2.35
C VAL A 321 -11.82 -19.82 -2.03
N ALA A 322 -12.28 -19.10 -3.05
CA ALA A 322 -13.26 -18.05 -2.86
C ALA A 322 -14.57 -18.57 -2.27
N HIS A 323 -15.05 -19.70 -2.78
CA HIS A 323 -16.31 -20.25 -2.31
CA HIS A 323 -16.30 -20.31 -2.33
C HIS A 323 -16.19 -20.82 -0.91
N THR A 324 -15.06 -21.44 -0.59
CA THR A 324 -14.86 -22.00 0.75
C THR A 324 -14.81 -20.88 1.78
N ILE A 325 -14.16 -19.77 1.43
CA ILE A 325 -14.10 -18.61 2.31
C ILE A 325 -15.51 -18.02 2.48
N SER A 326 -16.23 -17.91 1.39
CA SER A 326 -17.55 -17.27 1.39
C SER A 326 -18.59 -18.13 2.12
N ALA A 327 -18.34 -19.43 2.18
CA ALA A 327 -19.29 -20.36 2.79
C ALA A 327 -18.99 -20.59 4.27
N GLY A 328 -17.81 -20.14 4.71
CA GLY A 328 -17.41 -20.31 6.09
C GLY A 328 -18.21 -19.44 7.06
N ALA A 329 -17.98 -19.64 8.35
CA ALA A 329 -18.69 -18.90 9.38
C ALA A 329 -18.52 -17.39 9.23
N ALA A 330 -17.31 -16.98 8.86
CA ALA A 330 -17.03 -15.55 8.67
C ALA A 330 -17.86 -14.98 7.53
N GLY A 331 -18.06 -15.78 6.49
CA GLY A 331 -18.94 -15.42 5.39
C GLY A 331 -18.35 -14.40 4.43
N ALA A 332 -17.08 -14.08 4.62
CA ALA A 332 -16.43 -13.06 3.80
C ALA A 332 -14.93 -12.99 4.06
N LEU A 333 -14.19 -12.52 3.07
CA LEU A 333 -12.78 -12.25 3.24
C LEU A 333 -12.64 -10.95 4.02
N MET A 334 -12.11 -11.04 5.23
CA MET A 334 -12.07 -9.88 6.11
C MET A 334 -10.87 -8.95 5.83
N HIS A 335 -10.91 -8.29 4.68
CA HIS A 335 -9.89 -7.33 4.29
C HIS A 335 -10.52 -6.35 3.32
N GLY A 336 -10.03 -5.11 3.33
CA GLY A 336 -10.59 -4.09 2.45
C GLY A 336 -9.99 -2.73 2.68
N PRO A 337 -8.89 -2.42 1.96
CA PRO A 337 -8.22 -1.11 2.07
C PRO A 337 -9.08 0.01 1.53
N THR A 338 -9.02 1.17 2.18
CA THR A 338 -9.76 2.36 1.75
C THR A 338 -9.72 2.57 0.24
N PHE A 339 -8.52 2.50 -0.32
CA PHE A 339 -8.28 2.93 -1.68
C PHE A 339 -8.29 1.79 -2.69
N MET A 340 -8.87 0.68 -2.28
CA MET A 340 -8.98 -0.53 -3.09
C MET A 340 -9.52 -0.26 -4.50
N ALA A 341 -8.85 -0.81 -5.51
CA ALA A 341 -9.31 -0.79 -6.89
C ALA A 341 -9.41 0.61 -7.50
N ASN A 342 -8.48 1.48 -7.13
CA ASN A 342 -8.42 2.84 -7.66
C ASN A 342 -8.54 2.87 -9.20
N PRO A 343 -9.55 3.58 -9.72
CA PRO A 343 -9.78 3.68 -11.16
C PRO A 343 -8.56 4.12 -11.98
N LEU A 344 -7.78 5.09 -11.49
CA LEU A 344 -6.60 5.56 -12.21
C LEU A 344 -5.52 4.47 -12.31
N ALA A 345 -5.26 3.80 -11.20
CA ALA A 345 -4.28 2.74 -11.18
C ALA A 345 -4.74 1.58 -12.05
N CYS A 346 -6.03 1.25 -11.98
CA CYS A 346 -6.58 0.16 -12.78
C CYS A 346 -6.53 0.50 -14.26
N ALA A 347 -6.87 1.75 -14.59
CA ALA A 347 -6.90 2.20 -15.97
C ALA A 347 -5.53 2.12 -16.63
N VAL A 348 -4.49 2.57 -15.93
CA VAL A 348 -3.15 2.54 -16.51
C VAL A 348 -2.67 1.10 -16.61
N SER A 349 -3.07 0.26 -15.66
CA SER A 349 -2.70 -1.16 -15.68
C SER A 349 -3.28 -1.87 -16.90
N VAL A 350 -4.56 -1.59 -17.19
CA VAL A 350 -5.19 -2.16 -18.37
C VAL A 350 -4.39 -1.79 -19.62
N ALA A 351 -3.98 -0.54 -19.72
CA ALA A 351 -3.22 -0.08 -20.87
C ALA A 351 -1.87 -0.80 -20.94
N SER A 352 -1.21 -0.92 -19.79
CA SER A 352 0.11 -1.56 -19.74
C SER A 352 0.03 -3.03 -20.15
N VAL A 353 -0.96 -3.74 -19.61
CA VAL A 353 -1.14 -5.15 -19.93
C VAL A 353 -1.50 -5.32 -21.41
N GLU A 354 -2.40 -4.47 -21.90
CA GLU A 354 -2.82 -4.54 -23.30
C GLU A 354 -1.65 -4.24 -24.25
N LEU A 355 -0.82 -3.27 -23.86
CA LEU A 355 0.34 -2.90 -24.65
C LEU A 355 1.31 -4.08 -24.76
N LEU A 356 1.48 -4.81 -23.66
CA LEU A 356 2.35 -5.97 -23.63
C LEU A 356 1.80 -7.08 -24.53
N LEU A 357 0.52 -7.38 -24.38
CA LEU A 357 -0.11 -8.48 -25.11
C LEU A 357 -0.27 -8.17 -26.60
N GLY A 358 -0.33 -6.90 -26.94
CA GLY A 358 -0.52 -6.48 -28.32
C GLY A 358 0.75 -6.50 -29.15
N GLN A 359 1.85 -6.94 -28.54
CA GLN A 359 3.11 -7.05 -29.25
C GLN A 359 3.69 -8.44 -29.04
N ASP A 360 4.68 -8.79 -29.87
CA ASP A 360 5.37 -10.05 -29.70
C ASP A 360 6.37 -9.92 -28.54
N TRP A 361 5.84 -9.94 -27.33
CA TRP A 361 6.65 -9.73 -26.12
C TRP A 361 7.66 -10.86 -25.92
N ARG A 362 7.26 -12.07 -26.29
CA ARG A 362 8.12 -13.23 -26.09
C ARG A 362 9.44 -13.08 -26.86
N THR A 363 9.34 -12.60 -28.10
CA THR A 363 10.53 -12.39 -28.92
C THR A 363 11.38 -11.24 -28.37
N ARG A 364 10.71 -10.21 -27.84
CA ARG A 364 11.40 -9.07 -27.26
C ARG A 364 12.24 -9.52 -26.06
N ILE A 365 11.66 -10.36 -25.21
CA ILE A 365 12.37 -10.87 -24.03
C ILE A 365 13.55 -11.75 -24.44
N THR A 366 13.31 -12.61 -25.43
CA THR A 366 14.37 -13.48 -25.94
C THR A 366 15.55 -12.67 -26.44
N GLU A 367 15.27 -11.60 -27.18
CA GLU A 367 16.32 -10.71 -27.67
C GLU A 367 17.07 -10.06 -26.51
N LEU A 368 16.33 -9.62 -25.51
CA LEU A 368 16.92 -9.00 -24.33
C LEU A 368 17.84 -9.99 -23.61
N ALA A 369 17.35 -11.21 -23.42
CA ALA A 369 18.12 -12.25 -22.76
C ALA A 369 19.42 -12.54 -23.50
N ALA A 370 19.36 -12.51 -24.83
CA ALA A 370 20.54 -12.74 -25.67
C ALA A 370 21.53 -11.60 -25.53
N GLY A 371 21.02 -10.37 -25.54
CA GLY A 371 21.86 -9.20 -25.39
C GLY A 371 22.53 -9.15 -24.03
N LEU A 372 21.81 -9.60 -23.00
CA LEU A 372 22.37 -9.67 -21.66
C LEU A 372 23.47 -10.72 -21.61
N THR A 373 23.19 -11.90 -22.18
CA THR A 373 24.16 -12.99 -22.18
C THR A 373 25.44 -12.57 -22.90
N ALA A 374 25.29 -12.00 -24.09
CA ALA A 374 26.45 -11.53 -24.86
C ALA A 374 27.23 -10.46 -24.11
N GLY A 375 26.51 -9.49 -23.56
CA GLY A 375 27.16 -8.37 -22.89
C GLY A 375 27.89 -8.72 -21.61
N LEU A 376 27.38 -9.71 -20.89
CA LEU A 376 27.94 -10.08 -19.58
C LEU A 376 28.98 -11.18 -19.68
N ASP A 377 29.09 -11.80 -20.85
CA ASP A 377 29.99 -12.94 -21.04
C ASP A 377 31.41 -12.67 -20.55
N THR A 378 31.93 -11.49 -20.86
CA THR A 378 33.33 -11.17 -20.55
C THR A 378 33.60 -11.10 -19.05
N ALA A 379 32.55 -11.00 -18.25
CA ALA A 379 32.70 -10.94 -16.80
C ALA A 379 33.04 -12.31 -16.23
N ARG A 380 32.64 -13.36 -16.94
CA ARG A 380 32.85 -14.73 -16.49
C ARG A 380 34.31 -15.01 -16.14
N ALA A 381 35.22 -14.31 -16.81
CA ALA A 381 36.65 -14.56 -16.64
C ALA A 381 37.30 -13.62 -15.61
N LEU A 382 36.54 -12.67 -15.10
CA LEU A 382 37.05 -11.74 -14.09
C LEU A 382 37.39 -12.48 -12.80
N PRO A 383 38.49 -12.08 -12.14
CA PRO A 383 39.00 -12.77 -10.95
C PRO A 383 37.97 -12.90 -9.83
N ALA A 384 37.24 -11.83 -9.54
CA ALA A 384 36.33 -11.81 -8.41
C ALA A 384 34.90 -12.26 -8.76
N VAL A 385 34.72 -12.80 -9.96
CA VAL A 385 33.40 -13.22 -10.40
C VAL A 385 33.17 -14.71 -10.20
N THR A 386 32.14 -15.04 -9.42
CA THR A 386 31.81 -16.43 -9.12
C THR A 386 30.75 -16.98 -10.07
N ASP A 387 29.83 -16.13 -10.48
CA ASP A 387 28.75 -16.58 -11.35
C ASP A 387 28.23 -15.47 -12.26
N VAL A 388 27.85 -15.85 -13.47
CA VAL A 388 27.13 -14.97 -14.38
C VAL A 388 25.89 -15.72 -14.85
N ARG A 389 24.72 -15.13 -14.62
CA ARG A 389 23.48 -15.80 -14.96
C ARG A 389 22.44 -14.85 -15.56
N VAL A 390 21.65 -15.37 -16.48
CA VAL A 390 20.61 -14.60 -17.14
C VAL A 390 19.36 -15.45 -17.25
N CYS A 391 18.21 -14.84 -16.99
CA CYS A 391 16.93 -15.52 -17.16
C CYS A 391 15.95 -14.50 -17.71
N GLY A 392 15.56 -14.69 -18.97
CA GLY A 392 14.74 -13.69 -19.64
C GLY A 392 15.42 -12.34 -19.55
N ALA A 393 14.65 -11.30 -19.25
CA ALA A 393 15.19 -9.96 -19.18
C ALA A 393 15.78 -9.65 -17.80
N ILE A 394 16.59 -10.57 -17.30
CA ILE A 394 17.28 -10.40 -16.03
C ILE A 394 18.74 -10.83 -16.18
N GLY A 395 19.66 -9.98 -15.75
CA GLY A 395 21.08 -10.28 -15.84
C GLY A 395 21.78 -10.10 -14.52
N VAL A 396 22.58 -11.09 -14.11
CA VAL A 396 23.25 -11.03 -12.82
C VAL A 396 24.71 -11.46 -12.88
N ILE A 397 25.57 -10.64 -12.28
CA ILE A 397 26.94 -11.04 -12.01
C ILE A 397 27.10 -11.24 -10.51
N GLU A 398 27.43 -12.45 -10.09
CA GLU A 398 27.70 -12.70 -8.68
C GLU A 398 29.21 -12.75 -8.41
N CYS A 399 29.66 -11.88 -7.51
CA CYS A 399 31.08 -11.80 -7.17
C CYS A 399 31.42 -12.69 -5.98
N ASP A 400 32.69 -12.72 -5.60
CA ASP A 400 33.13 -13.53 -4.46
C ASP A 400 33.25 -12.71 -3.19
N ARG A 401 32.86 -11.45 -3.29
CA ARG A 401 32.97 -10.52 -2.17
C ARG A 401 31.93 -9.42 -2.32
N PRO A 402 31.73 -8.61 -1.28
CA PRO A 402 30.76 -7.50 -1.31
C PRO A 402 31.15 -6.40 -2.30
N VAL A 403 30.16 -5.83 -2.98
CA VAL A 403 30.39 -4.76 -3.93
C VAL A 403 30.38 -3.40 -3.22
N ASP A 404 31.53 -2.73 -3.24
CA ASP A 404 31.65 -1.41 -2.63
C ASP A 404 30.86 -0.39 -3.44
N LEU A 405 29.87 0.24 -2.82
CA LEU A 405 29.00 1.18 -3.51
C LEU A 405 29.72 2.46 -3.94
N ALA A 406 30.67 2.92 -3.14
CA ALA A 406 31.42 4.13 -3.44
C ALA A 406 32.30 3.94 -4.67
N VAL A 407 32.54 2.68 -5.04
CA VAL A 407 33.30 2.38 -6.24
C VAL A 407 32.36 2.13 -7.42
N ALA A 408 31.22 1.49 -7.12
CA ALA A 408 30.29 1.07 -8.16
C ALA A 408 29.47 2.22 -8.74
N THR A 409 29.03 3.13 -7.88
CA THR A 409 28.15 4.22 -8.30
C THR A 409 28.77 5.14 -9.35
N PRO A 410 29.91 5.76 -9.03
CA PRO A 410 30.54 6.66 -10.00
C PRO A 410 30.95 5.91 -11.27
N ALA A 411 31.37 4.66 -11.11
CA ALA A 411 31.77 3.84 -12.25
C ALA A 411 30.62 3.67 -13.23
N ALA A 412 29.44 3.37 -12.70
CA ALA A 412 28.26 3.18 -13.53
C ALA A 412 27.74 4.51 -14.09
N LEU A 413 27.71 5.53 -13.24
CA LEU A 413 27.26 6.87 -13.65
C LEU A 413 28.14 7.43 -14.77
N ASP A 414 29.45 7.29 -14.64
CA ASP A 414 30.37 7.71 -15.68
C ASP A 414 29.97 7.09 -17.02
N ARG A 415 29.41 5.88 -16.97
CA ARG A 415 29.03 5.14 -18.16
C ARG A 415 27.56 5.33 -18.54
N GLY A 416 26.89 6.28 -17.89
CA GLY A 416 25.51 6.61 -18.21
C GLY A 416 24.51 5.53 -17.82
N VAL A 417 24.75 4.88 -16.69
CA VAL A 417 23.87 3.82 -16.23
C VAL A 417 23.60 3.93 -14.73
N TRP A 418 22.33 3.79 -14.35
CA TRP A 418 21.98 3.75 -12.94
C TRP A 418 21.84 2.30 -12.50
N LEU A 419 22.76 1.87 -11.64
CA LEU A 419 22.83 0.49 -11.17
C LEU A 419 22.69 0.48 -9.65
N ARG A 420 22.09 -0.57 -9.11
CA ARG A 420 21.94 -0.71 -7.66
C ARG A 420 22.41 -2.07 -7.17
N PRO A 421 23.73 -2.23 -7.01
CA PRO A 421 24.26 -3.50 -6.51
C PRO A 421 23.86 -3.70 -5.05
N PHE A 422 23.71 -4.95 -4.63
CA PHE A 422 23.56 -5.24 -3.21
C PHE A 422 24.26 -6.54 -2.86
N ARG A 423 24.89 -6.56 -1.68
CA ARG A 423 25.72 -7.68 -1.27
C ARG A 423 26.80 -7.95 -2.32
N ASN A 424 26.88 -9.17 -2.83
CA ASN A 424 27.90 -9.49 -3.82
C ASN A 424 27.39 -9.49 -5.25
N LEU A 425 26.26 -8.82 -5.48
CA LEU A 425 25.56 -8.90 -6.75
C LEU A 425 25.58 -7.59 -7.54
N VAL A 426 25.90 -7.69 -8.82
CA VAL A 426 25.69 -6.59 -9.76
C VAL A 426 24.68 -7.10 -10.79
N TYR A 427 23.53 -6.43 -10.89
CA TYR A 427 22.46 -6.96 -11.72
C TYR A 427 21.58 -5.91 -12.36
N ALA A 428 20.78 -6.36 -13.31
CA ALA A 428 19.90 -5.48 -14.06
C ALA A 428 18.65 -6.22 -14.51
N MET A 429 17.55 -5.49 -14.56
CA MET A 429 16.33 -5.96 -15.19
C MET A 429 15.76 -4.80 -15.99
N PRO A 430 16.28 -4.64 -17.23
CA PRO A 430 16.01 -3.43 -18.01
C PRO A 430 14.61 -3.41 -18.61
N PRO A 431 14.13 -2.21 -18.96
CA PRO A 431 12.82 -2.06 -19.61
C PRO A 431 12.79 -2.84 -20.90
N TYR A 432 11.63 -3.36 -21.28
CA TYR A 432 11.51 -4.21 -22.46
C TYR A 432 11.81 -3.43 -23.75
N ILE A 433 11.78 -2.10 -23.66
CA ILE A 433 11.98 -1.24 -24.82
C ILE A 433 13.45 -0.91 -25.08
N CYS A 434 14.35 -1.44 -24.26
CA CYS A 434 15.77 -1.18 -24.46
C CYS A 434 16.26 -1.72 -25.81
N THR A 435 16.99 -0.89 -26.53
CA THR A 435 17.58 -1.28 -27.81
C THR A 435 18.85 -2.08 -27.55
N PRO A 436 19.34 -2.79 -28.59
CA PRO A 436 20.61 -3.51 -28.44
C PRO A 436 21.74 -2.63 -27.95
N ALA A 437 21.79 -1.39 -28.42
CA ALA A 437 22.85 -0.47 -28.01
C ALA A 437 22.76 -0.11 -26.53
N GLU A 438 21.53 0.07 -26.04
CA GLU A 438 21.32 0.39 -24.64
C GLU A 438 21.67 -0.81 -23.74
N ILE A 439 21.39 -2.01 -24.22
CA ILE A 439 21.76 -3.21 -23.49
C ILE A 439 23.28 -3.37 -23.45
N THR A 440 23.95 -3.02 -24.54
CA THR A 440 25.40 -3.03 -24.57
C THR A 440 25.94 -2.05 -23.55
N GLN A 441 25.32 -0.88 -23.47
CA GLN A 441 25.73 0.14 -22.53
C GLN A 441 25.56 -0.35 -21.09
N ILE A 442 24.43 -0.99 -20.83
CA ILE A 442 24.14 -1.51 -19.49
C ILE A 442 25.11 -2.61 -19.07
N THR A 443 25.24 -3.63 -19.91
CA THR A 443 26.12 -4.75 -19.59
C THR A 443 27.59 -4.32 -19.47
N SER A 444 28.01 -3.38 -20.30
CA SER A 444 29.39 -2.89 -20.24
C SER A 444 29.64 -2.21 -18.90
N ALA A 445 28.62 -1.51 -18.40
CA ALA A 445 28.73 -0.85 -17.10
C ALA A 445 28.80 -1.86 -15.96
N MET A 446 28.03 -2.94 -16.08
CA MET A 446 28.01 -3.98 -15.07
C MET A 446 29.35 -4.71 -15.01
N VAL A 447 29.88 -5.03 -16.18
CA VAL A 447 31.16 -5.73 -16.26
C VAL A 447 32.28 -4.90 -15.65
N GLU A 448 32.24 -3.59 -15.91
CA GLU A 448 33.24 -2.71 -15.35
C GLU A 448 33.16 -2.69 -13.82
N VAL A 449 31.94 -2.71 -13.28
CA VAL A 449 31.77 -2.83 -11.85
C VAL A 449 32.37 -4.14 -11.35
N ALA A 450 32.08 -5.22 -12.06
CA ALA A 450 32.61 -6.53 -11.71
C ALA A 450 34.14 -6.54 -11.80
N ARG A 451 34.68 -5.81 -12.77
CA ARG A 451 36.13 -5.72 -12.94
C ARG A 451 36.77 -4.96 -11.78
N LEU A 452 36.14 -3.86 -11.39
CA LEU A 452 36.65 -3.04 -10.29
C LEU A 452 36.64 -3.76 -8.96
N VAL A 453 35.83 -4.81 -8.86
CA VAL A 453 35.71 -5.57 -7.62
C VAL A 453 36.87 -6.54 -7.43
N GLY B 27 -13.75 -1.94 -23.94
CA GLY B 27 -14.82 -1.25 -23.24
C GLY B 27 -15.90 -2.18 -22.74
N LEU B 28 -16.69 -1.72 -21.77
CA LEU B 28 -17.76 -2.52 -21.20
C LEU B 28 -18.98 -1.65 -20.88
N THR B 29 -20.17 -2.19 -21.11
CA THR B 29 -21.40 -1.52 -20.73
C THR B 29 -21.65 -1.75 -19.26
N PRO B 30 -22.50 -0.92 -18.63
CA PRO B 30 -22.83 -1.12 -17.21
C PRO B 30 -23.25 -2.56 -16.91
N GLU B 31 -23.96 -3.18 -17.85
CA GLU B 31 -24.43 -4.56 -17.62
C GLU B 31 -23.28 -5.56 -17.66
N GLN B 32 -22.34 -5.36 -18.58
CA GLN B 32 -21.17 -6.22 -18.66
C GLN B 32 -20.27 -6.07 -17.43
N ILE B 33 -20.16 -4.84 -16.94
CA ILE B 33 -19.39 -4.55 -15.73
C ILE B 33 -19.96 -5.36 -14.55
N ILE B 34 -21.28 -5.28 -14.37
CA ILE B 34 -21.94 -6.03 -13.30
C ILE B 34 -21.66 -7.52 -13.41
N ALA B 35 -21.68 -8.04 -14.64
CA ALA B 35 -21.43 -9.45 -14.87
C ALA B 35 -19.99 -9.84 -14.50
N VAL B 36 -19.04 -9.05 -14.98
CA VAL B 36 -17.62 -9.29 -14.65
C VAL B 36 -17.41 -9.15 -13.15
N ASP B 37 -17.98 -8.10 -12.56
CA ASP B 37 -17.83 -7.82 -11.14
C ASP B 37 -18.34 -8.97 -10.28
N GLY B 38 -19.53 -9.47 -10.59
CA GLY B 38 -20.11 -10.56 -9.83
C GLY B 38 -19.28 -11.82 -9.91
N ALA B 39 -18.63 -12.04 -11.04
CA ALA B 39 -17.86 -13.27 -11.25
C ALA B 39 -16.42 -13.20 -10.74
N HIS B 40 -15.80 -12.03 -10.84
CA HIS B 40 -14.34 -11.95 -10.72
C HIS B 40 -13.78 -10.98 -9.68
N LEU B 41 -14.61 -10.17 -9.06
CA LEU B 41 -14.08 -9.12 -8.18
C LEU B 41 -14.47 -9.26 -6.72
N TRP B 42 -13.45 -9.34 -5.86
CA TRP B 42 -13.66 -9.23 -4.42
C TRP B 42 -13.90 -7.78 -4.07
N HIS B 43 -14.89 -7.53 -3.22
CA HIS B 43 -15.09 -6.19 -2.68
C HIS B 43 -14.71 -6.20 -1.20
N PRO B 44 -14.55 -5.00 -0.60
CA PRO B 44 -14.12 -4.93 0.80
C PRO B 44 -14.98 -5.76 1.72
N TYR B 45 -14.34 -6.58 2.54
CA TYR B 45 -15.03 -7.40 3.54
CA TYR B 45 -15.03 -7.39 3.55
C TYR B 45 -16.28 -8.07 3.00
N SER B 46 -16.17 -8.64 1.81
CA SER B 46 -17.31 -9.28 1.18
C SER B 46 -17.04 -10.73 0.81
N SER B 47 -18.07 -11.39 0.31
CA SER B 47 -17.95 -12.76 -0.18
C SER B 47 -17.94 -12.73 -1.69
N ILE B 48 -17.80 -13.90 -2.30
CA ILE B 48 -17.98 -14.05 -3.74
C ILE B 48 -19.25 -14.87 -4.00
N SER B 54 -25.34 -6.14 -3.96
CA SER B 54 -24.87 -6.00 -5.34
C SER B 54 -24.40 -4.58 -5.61
N PRO B 55 -23.17 -4.46 -6.16
CA PRO B 55 -22.58 -3.14 -6.38
C PRO B 55 -23.30 -2.37 -7.48
N VAL B 56 -23.35 -1.05 -7.32
CA VAL B 56 -23.88 -0.15 -8.34
C VAL B 56 -22.73 0.36 -9.20
N VAL B 57 -22.92 0.41 -10.51
CA VAL B 57 -21.87 0.87 -11.41
C VAL B 57 -21.71 2.38 -11.37
N ALA B 58 -20.50 2.83 -11.06
CA ALA B 58 -20.18 4.25 -11.10
C ALA B 58 -19.47 4.54 -12.43
N VAL B 59 -19.92 5.56 -13.16
CA VAL B 59 -19.37 5.84 -14.47
C VAL B 59 -18.68 7.19 -14.58
N ALA B 60 -18.86 8.04 -13.57
CA ALA B 60 -18.21 9.35 -13.57
C ALA B 60 -18.23 10.00 -12.19
N ALA B 61 -17.32 10.94 -11.98
CA ALA B 61 -17.29 11.73 -10.75
C ALA B 61 -16.81 13.14 -11.06
N HIS B 62 -17.54 14.12 -10.57
CA HIS B 62 -17.21 15.52 -10.83
C HIS B 62 -17.66 16.37 -9.65
N GLY B 63 -16.72 17.11 -9.07
CA GLY B 63 -17.01 17.86 -7.86
C GLY B 63 -17.50 16.94 -6.76
N ALA B 64 -18.63 17.28 -6.15
CA ALA B 64 -19.17 16.49 -5.07
C ALA B 64 -20.14 15.41 -5.55
N TRP B 65 -20.20 15.22 -6.87
CA TRP B 65 -21.22 14.35 -7.46
C TRP B 65 -20.65 13.12 -8.15
N LEU B 66 -21.32 12.00 -7.97
CA LEU B 66 -21.00 10.78 -8.70
C LEU B 66 -22.12 10.53 -9.71
N THR B 67 -21.76 9.99 -10.86
CA THR B 67 -22.76 9.49 -11.79
C THR B 67 -22.85 7.98 -11.66
N LEU B 68 -24.00 7.50 -11.19
CA LEU B 68 -24.21 6.06 -11.02
C LEU B 68 -25.25 5.57 -12.02
N ILE B 69 -25.20 4.28 -12.33
CA ILE B 69 -26.19 3.65 -13.19
C ILE B 69 -27.21 2.92 -12.33
N ARG B 70 -28.47 3.37 -12.40
CA ARG B 70 -29.54 2.72 -11.65
C ARG B 70 -30.65 2.32 -12.59
N ASP B 71 -31.00 1.03 -12.59
CA ASP B 71 -32.03 0.52 -13.49
C ASP B 71 -31.77 0.99 -14.91
N GLY B 72 -30.52 0.89 -15.35
CA GLY B 72 -30.14 1.22 -16.71
C GLY B 72 -30.01 2.70 -17.00
N GLN B 73 -30.27 3.54 -16.01
CA GLN B 73 -30.23 4.98 -16.21
C GLN B 73 -29.13 5.65 -15.39
N PRO B 74 -28.44 6.64 -15.98
CA PRO B 74 -27.47 7.45 -15.26
C PRO B 74 -28.17 8.39 -14.28
N ILE B 75 -27.67 8.44 -13.04
CA ILE B 75 -28.19 9.39 -12.05
C ILE B 75 -27.06 10.09 -11.32
N GLU B 76 -27.28 11.35 -10.97
CA GLU B 76 -26.31 12.10 -10.20
C GLU B 76 -26.64 11.97 -8.71
N VAL B 77 -25.63 11.64 -7.92
CA VAL B 77 -25.81 11.53 -6.47
C VAL B 77 -24.64 12.17 -5.75
N LEU B 78 -24.91 12.77 -4.59
CA LEU B 78 -23.86 13.38 -3.80
C LEU B 78 -22.98 12.33 -3.12
N ASP B 79 -21.67 12.52 -3.22
CA ASP B 79 -20.70 11.65 -2.56
C ASP B 79 -20.57 12.06 -1.08
N ALA B 80 -21.56 11.68 -0.30
CA ALA B 80 -21.65 12.09 1.10
C ALA B 80 -20.51 11.55 1.95
N MET B 81 -19.88 10.45 1.51
CA MET B 81 -18.80 9.83 2.27
C MET B 81 -17.42 10.36 1.86
N SER B 82 -17.39 11.25 0.88
CA SER B 82 -16.13 11.69 0.27
C SER B 82 -15.30 10.48 -0.16
N SER B 83 -15.97 9.45 -0.67
CA SER B 83 -15.29 8.23 -1.06
C SER B 83 -14.38 7.76 0.06
N TRP B 84 -14.97 7.61 1.24
CA TRP B 84 -14.25 7.20 2.45
C TRP B 84 -13.14 8.15 2.88
N TRP B 85 -13.53 9.39 3.22
CA TRP B 85 -12.64 10.37 3.85
C TRP B 85 -11.67 11.05 2.89
N THR B 86 -11.57 10.57 1.65
CA THR B 86 -10.48 10.99 0.77
C THR B 86 -10.72 12.26 -0.06
N ALA B 87 -11.89 12.36 -0.68
CA ALA B 87 -12.13 13.42 -1.67
C ALA B 87 -12.51 14.77 -1.06
N ILE B 88 -11.62 15.35 -0.26
CA ILE B 88 -11.95 16.58 0.46
C ILE B 88 -12.24 17.77 -0.46
N HIS B 89 -11.60 17.78 -1.64
CA HIS B 89 -11.77 18.86 -2.61
C HIS B 89 -12.74 18.43 -3.71
N GLY B 90 -13.43 17.32 -3.50
CA GLY B 90 -14.30 16.77 -4.52
C GLY B 90 -13.49 16.11 -5.62
N HIS B 91 -14.18 15.56 -6.62
CA HIS B 91 -13.53 14.85 -7.71
C HIS B 91 -13.25 15.78 -8.88
N GLY B 92 -12.18 15.49 -9.63
CA GLY B 92 -11.85 16.26 -10.81
C GLY B 92 -11.66 17.74 -10.55
N HIS B 93 -11.02 18.08 -9.44
CA HIS B 93 -10.68 19.47 -9.17
C HIS B 93 -9.55 19.87 -10.12
N PRO B 94 -9.73 21.00 -10.84
CA PRO B 94 -8.76 21.40 -11.86
C PRO B 94 -7.34 21.57 -11.34
N ALA B 95 -7.21 22.03 -10.10
CA ALA B 95 -5.88 22.23 -9.50
C ALA B 95 -5.15 20.90 -9.30
N LEU B 96 -5.88 19.88 -8.87
CA LEU B 96 -5.30 18.57 -8.61
C LEU B 96 -5.10 17.81 -9.92
N ASP B 97 -6.10 17.87 -10.80
CA ASP B 97 -5.98 17.28 -12.14
C ASP B 97 -4.71 17.77 -12.84
N GLN B 98 -4.48 19.08 -12.81
CA GLN B 98 -3.34 19.65 -13.51
C GLN B 98 -2.01 19.35 -12.83
N ALA B 99 -2.01 19.31 -11.50
CA ALA B 99 -0.81 18.95 -10.77
C ALA B 99 -0.37 17.55 -11.20
N LEU B 100 -1.34 16.64 -11.35
CA LEU B 100 -1.05 15.27 -11.76
C LEU B 100 -0.55 15.22 -13.20
N THR B 101 -1.23 15.91 -14.10
CA THR B 101 -0.84 15.90 -15.50
C THR B 101 0.50 16.60 -15.72
N THR B 102 0.79 17.63 -14.92
CA THR B 102 2.07 18.31 -14.99
C THR B 102 3.22 17.37 -14.61
N GLN B 103 3.06 16.65 -13.50
CA GLN B 103 4.09 15.71 -13.08
C GLN B 103 4.23 14.55 -14.08
N LEU B 104 3.10 14.08 -14.60
CA LEU B 104 3.09 12.98 -15.56
C LEU B 104 3.93 13.30 -16.79
N ARG B 105 3.96 14.57 -17.18
CA ARG B 105 4.71 14.98 -18.35
C ARG B 105 6.22 14.86 -18.12
N VAL B 106 6.66 15.04 -16.89
CA VAL B 106 8.09 15.08 -16.59
C VAL B 106 8.66 13.77 -16.03
N MET B 107 7.97 13.17 -15.06
CA MET B 107 8.49 11.97 -14.40
C MET B 107 7.40 11.24 -13.66
N ASN B 108 7.01 10.07 -14.17
CA ASN B 108 5.94 9.30 -13.55
C ASN B 108 6.38 8.65 -12.24
N HIS B 109 7.54 8.01 -12.26
CA HIS B 109 8.07 7.32 -11.09
C HIS B 109 9.55 7.00 -11.25
N VAL B 110 10.29 7.09 -10.16
CA VAL B 110 11.64 6.54 -10.08
C VAL B 110 11.80 5.91 -8.70
N MET B 111 12.74 4.96 -8.58
CA MET B 111 12.98 4.32 -7.29
C MET B 111 13.46 5.36 -6.28
N PHE B 112 13.08 5.19 -5.02
CA PHE B 112 13.48 6.12 -3.97
C PHE B 112 14.77 5.67 -3.29
N GLY B 113 15.35 4.59 -3.79
CA GLY B 113 16.62 4.10 -3.27
C GLY B 113 17.79 4.75 -4.00
N GLY B 114 18.50 5.64 -3.30
CA GLY B 114 19.64 6.32 -3.86
C GLY B 114 19.26 7.55 -4.67
N LEU B 115 17.96 7.73 -4.88
CA LEU B 115 17.44 8.88 -5.61
C LEU B 115 16.44 9.65 -4.76
N THR B 116 16.36 10.95 -4.99
CA THR B 116 15.29 11.76 -4.41
C THR B 116 14.68 12.63 -5.50
N HIS B 117 13.60 13.34 -5.19
CA HIS B 117 12.96 14.15 -6.22
C HIS B 117 12.12 15.29 -5.65
N GLU B 118 11.75 16.23 -6.49
CA GLU B 118 11.07 17.44 -6.05
C GLU B 118 9.72 17.22 -5.37
N PRO B 119 8.85 16.39 -5.97
CA PRO B 119 7.57 16.14 -5.28
C PRO B 119 7.74 15.62 -3.85
N ALA B 120 8.64 14.66 -3.63
CA ALA B 120 8.83 14.13 -2.29
C ALA B 120 9.35 15.20 -1.34
N ALA B 121 10.30 16.00 -1.81
CA ALA B 121 10.88 17.06 -0.99
C ALA B 121 9.87 18.15 -0.66
N ARG B 122 9.11 18.58 -1.66
CA ARG B 122 8.08 19.60 -1.45
C ARG B 122 7.01 19.13 -0.47
N LEU B 123 6.59 17.87 -0.62
CA LEU B 123 5.57 17.31 0.26
C LEU B 123 6.08 17.13 1.68
N ALA B 124 7.28 16.59 1.82
CA ALA B 124 7.88 16.40 3.15
C ALA B 124 8.01 17.74 3.86
N LYS B 125 8.45 18.75 3.11
CA LYS B 125 8.59 20.10 3.64
C LYS B 125 7.25 20.64 4.15
N LEU B 126 6.19 20.44 3.37
CA LEU B 126 4.85 20.86 3.75
C LEU B 126 4.36 20.14 5.01
N LEU B 127 4.46 18.81 4.99
CA LEU B 127 3.96 17.99 6.09
C LEU B 127 4.64 18.33 7.40
N VAL B 128 5.97 18.45 7.38
CA VAL B 128 6.70 18.75 8.59
C VAL B 128 6.29 20.12 9.12
N ASP B 129 5.92 21.03 8.22
CA ASP B 129 5.53 22.39 8.61
CA ASP B 129 5.54 22.39 8.62
C ASP B 129 4.14 22.47 9.24
N ILE B 130 3.20 21.68 8.73
CA ILE B 130 1.81 21.79 9.19
C ILE B 130 1.38 20.81 10.28
N THR B 131 2.19 19.78 10.53
CA THR B 131 1.84 18.80 11.55
C THR B 131 2.25 19.30 12.94
N PRO B 132 1.77 18.65 14.00
CA PRO B 132 2.13 19.08 15.36
C PRO B 132 3.64 19.21 15.54
N ALA B 133 4.05 20.16 16.37
CA ALA B 133 5.46 20.49 16.56
C ALA B 133 6.32 19.28 16.91
N GLY B 134 7.52 19.23 16.34
CA GLY B 134 8.47 18.18 16.67
C GLY B 134 8.53 17.06 15.66
N LEU B 135 7.49 16.92 14.85
CA LEU B 135 7.49 15.90 13.80
C LEU B 135 8.29 16.40 12.59
N ASP B 136 9.53 15.92 12.48
CA ASP B 136 10.48 16.52 11.54
C ASP B 136 11.01 15.56 10.48
N THR B 137 10.58 14.30 10.51
CA THR B 137 10.98 13.35 9.48
C THR B 137 9.78 12.62 8.90
N VAL B 138 9.86 12.26 7.62
CA VAL B 138 8.73 11.71 6.89
C VAL B 138 9.07 10.42 6.13
N PHE B 139 8.30 9.36 6.39
CA PHE B 139 8.44 8.10 5.67
C PHE B 139 7.20 7.85 4.83
N PHE B 140 7.34 7.92 3.51
CA PHE B 140 6.20 7.71 2.63
C PHE B 140 5.91 6.24 2.39
N SER B 141 4.63 5.87 2.44
CA SER B 141 4.21 4.52 2.07
C SER B 141 2.96 4.58 1.20
N ASP B 142 2.41 3.42 0.86
CA ASP B 142 1.36 3.35 -0.15
C ASP B 142 -0.06 3.25 0.42
N SER B 143 -0.18 2.97 1.72
CA SER B 143 -1.50 2.83 2.31
C SER B 143 -1.49 3.09 3.83
N GLY B 144 -2.67 3.34 4.37
CA GLY B 144 -2.81 3.61 5.79
C GLY B 144 -2.33 2.46 6.67
N SER B 145 -2.73 1.23 6.32
CA SER B 145 -2.30 0.06 7.08
C SER B 145 -0.77 -0.05 7.13
N VAL B 146 -0.11 0.13 5.99
CA VAL B 146 1.34 0.06 5.95
C VAL B 146 1.97 1.18 6.80
N SER B 147 1.38 2.37 6.77
CA SER B 147 1.94 3.49 7.52
C SER B 147 1.87 3.20 9.01
N VAL B 148 0.81 2.50 9.43
CA VAL B 148 0.68 2.11 10.83
C VAL B 148 1.75 1.10 11.23
N GLU B 149 2.06 0.16 10.35
CA GLU B 149 3.10 -0.82 10.62
C GLU B 149 4.47 -0.15 10.66
N VAL B 150 4.65 0.87 9.83
CA VAL B 150 5.89 1.65 9.86
C VAL B 150 6.02 2.36 11.21
N ALA B 151 4.92 2.93 11.67
CA ALA B 151 4.91 3.59 12.97
C ALA B 151 5.29 2.61 14.07
N ALA B 152 4.79 1.38 13.97
CA ALA B 152 5.13 0.34 14.94
C ALA B 152 6.61 -0.02 14.85
N LYS B 153 7.11 -0.11 13.63
CA LYS B 153 8.52 -0.39 13.40
C LYS B 153 9.40 0.69 14.02
N MET B 154 9.02 1.94 13.81
CA MET B 154 9.75 3.06 14.39
C MET B 154 9.85 2.92 15.91
N ALA B 155 8.71 2.69 16.54
CA ALA B 155 8.68 2.58 18.00
C ALA B 155 9.54 1.42 18.48
N LEU B 156 9.41 0.26 17.84
CA LEU B 156 10.17 -0.91 18.25
C LEU B 156 11.67 -0.72 18.07
N GLN B 157 12.08 -0.20 16.91
CA GLN B 157 13.50 0.05 16.66
C GLN B 157 14.04 1.15 17.55
N TYR B 158 13.16 2.09 17.92
CA TYR B 158 13.56 3.15 18.84
C TYR B 158 14.07 2.57 20.15
N TRP B 159 13.25 1.74 20.80
CA TRP B 159 13.61 1.19 22.09
C TRP B 159 14.75 0.17 22.00
N ARG B 160 14.82 -0.53 20.89
CA ARG B 160 15.99 -1.37 20.63
C ARG B 160 17.23 -0.49 20.55
N GLY B 161 17.07 0.68 19.93
CA GLY B 161 18.15 1.65 19.84
C GLY B 161 18.54 2.20 21.20
N ARG B 162 17.62 2.12 22.16
CA ARG B 162 17.88 2.58 23.52
C ARG B 162 18.36 1.44 24.43
N GLY B 163 18.47 0.24 23.85
CA GLY B 163 18.91 -0.91 24.60
C GLY B 163 17.82 -1.53 25.47
N LEU B 164 16.57 -1.22 25.13
CA LEU B 164 15.43 -1.79 25.86
C LEU B 164 14.50 -2.56 24.94
N PRO B 165 14.98 -3.68 24.39
CA PRO B 165 14.22 -4.49 23.41
C PRO B 165 13.00 -5.16 24.03
N GLY B 166 12.88 -5.10 25.35
CA GLY B 166 11.72 -5.67 26.03
C GLY B 166 10.47 -4.85 25.80
N LYS B 167 10.66 -3.58 25.45
CA LYS B 167 9.55 -2.69 25.13
C LYS B 167 9.09 -2.93 23.69
N ARG B 168 8.17 -3.86 23.53
CA ARG B 168 7.79 -4.31 22.19
C ARG B 168 6.27 -4.46 22.01
N ARG B 169 5.52 -4.25 23.09
CA ARG B 169 4.06 -4.34 23.01
C ARG B 169 3.46 -2.98 22.75
N LEU B 170 2.21 -2.98 22.30
CA LEU B 170 1.48 -1.74 22.07
C LEU B 170 0.29 -1.66 22.99
N MET B 171 -0.07 -0.44 23.38
CA MET B 171 -1.27 -0.23 24.17
C MET B 171 -2.22 0.72 23.45
N THR B 172 -3.51 0.48 23.58
CA THR B 172 -4.49 1.38 23.02
C THR B 172 -5.76 1.27 23.85
N TRP B 173 -6.75 2.08 23.52
CA TRP B 173 -8.07 1.91 24.13
C TRP B 173 -9.01 1.19 23.17
N ARG B 174 -10.11 0.67 23.70
CA ARG B 174 -11.06 -0.07 22.86
C ARG B 174 -11.81 0.86 21.90
N GLY B 175 -12.42 0.27 20.87
CA GLY B 175 -13.19 1.01 19.91
C GLY B 175 -12.37 1.56 18.75
N GLY B 176 -11.11 1.15 18.66
CA GLY B 176 -10.21 1.67 17.65
C GLY B 176 -10.13 0.84 16.38
N TYR B 177 -9.64 1.45 15.32
CA TYR B 177 -9.35 0.75 14.07
C TYR B 177 -8.12 1.36 13.43
N HIS B 178 -7.21 0.52 12.97
CA HIS B 178 -5.94 1.01 12.43
C HIS B 178 -5.50 0.29 11.15
N GLY B 179 -6.41 -0.48 10.56
CA GLY B 179 -6.09 -1.16 9.30
C GLY B 179 -6.25 -2.66 9.34
N ASP B 180 -5.91 -3.31 8.24
CA ASP B 180 -6.21 -4.73 8.04
C ASP B 180 -5.00 -5.64 7.94
N THR B 181 -3.80 -5.07 7.84
CA THR B 181 -2.61 -5.90 7.89
C THR B 181 -2.45 -6.48 9.29
N PHE B 182 -1.68 -7.56 9.40
CA PHE B 182 -1.67 -8.33 10.65
C PHE B 182 -1.25 -7.57 11.91
N LEU B 183 -0.25 -6.69 11.80
CA LEU B 183 0.12 -5.90 12.98
C LEU B 183 -0.96 -4.88 13.30
N ALA B 184 -1.48 -4.21 12.27
CA ALA B 184 -2.54 -3.23 12.46
C ALA B 184 -3.78 -3.88 13.09
N MET B 185 -4.06 -5.11 12.69
CA MET B 185 -5.20 -5.83 13.26
C MET B 185 -5.05 -6.00 14.77
N SER B 186 -3.81 -6.13 15.23
CA SER B 186 -3.55 -6.42 16.64
C SER B 186 -4.00 -5.30 17.58
N ILE B 187 -4.14 -4.08 17.05
CA ILE B 187 -4.60 -2.99 17.89
C ILE B 187 -6.02 -2.53 17.55
N CYS B 188 -6.68 -3.26 16.67
CA CYS B 188 -8.09 -3.04 16.35
CA CYS B 188 -8.08 -2.97 16.39
C CYS B 188 -8.91 -3.51 17.55
N ASP B 189 -10.09 -2.93 17.72
CA ASP B 189 -10.97 -3.34 18.80
C ASP B 189 -11.13 -4.86 18.74
N PRO B 190 -10.80 -5.56 19.83
CA PRO B 190 -10.81 -7.03 19.85
C PRO B 190 -12.16 -7.58 19.43
N HIS B 191 -13.23 -6.87 19.80
CA HIS B 191 -14.58 -7.25 19.40
C HIS B 191 -15.03 -6.42 18.20
N LEU B 202 -2.50 -13.18 15.97
CA LEU B 202 -2.20 -11.77 16.15
C LEU B 202 -1.38 -11.54 17.42
N ALA B 203 -0.52 -10.53 17.40
CA ALA B 203 0.19 -10.11 18.60
C ALA B 203 -0.82 -9.76 19.67
N ALA B 204 -0.51 -10.11 20.92
CA ALA B 204 -1.40 -9.80 22.03
C ALA B 204 -1.01 -8.44 22.61
N GLN B 205 -1.87 -7.45 22.40
CA GLN B 205 -1.57 -6.08 22.83
C GLN B 205 -2.35 -5.72 24.09
N VAL B 206 -2.12 -4.52 24.61
CA VAL B 206 -2.77 -4.10 25.84
C VAL B 206 -3.93 -3.17 25.53
N PHE B 207 -5.10 -3.49 26.06
CA PHE B 207 -6.30 -2.67 25.81
C PHE B 207 -6.89 -2.04 27.06
N ALA B 208 -7.02 -0.72 27.04
CA ALA B 208 -7.76 0.00 28.07
C ALA B 208 -9.23 0.03 27.67
N PRO B 209 -10.13 0.28 28.63
CA PRO B 209 -11.56 0.35 28.30
C PRO B 209 -11.87 1.43 27.26
N GLN B 210 -13.03 1.35 26.64
CA GLN B 210 -13.50 2.36 25.70
C GLN B 210 -13.39 3.75 26.31
N VAL B 211 -12.75 4.67 25.58
CA VAL B 211 -12.66 6.05 26.04
C VAL B 211 -14.03 6.72 25.89
N PRO B 212 -14.53 7.32 26.99
CA PRO B 212 -15.84 7.95 27.03
C PRO B 212 -15.89 9.23 26.21
N ARG B 213 -17.09 9.70 25.87
CA ARG B 213 -17.22 10.96 25.15
C ARG B 213 -16.86 12.14 26.05
N ASP B 214 -17.45 12.17 27.23
CA ASP B 214 -17.22 13.25 28.18
C ASP B 214 -15.96 12.99 29.01
N TYR B 215 -15.27 14.06 29.38
CA TYR B 215 -14.06 13.92 30.15
C TYR B 215 -14.33 13.45 31.57
N ASP B 216 -13.66 12.38 31.96
CA ASP B 216 -13.76 11.82 33.30
C ASP B 216 -12.36 11.51 33.81
N PRO B 217 -11.87 12.32 34.76
CA PRO B 217 -10.49 12.18 35.26
C PRO B 217 -10.21 10.77 35.75
N ALA B 218 -11.26 10.07 36.16
CA ALA B 218 -11.12 8.71 36.63
C ALA B 218 -10.69 7.76 35.52
N TYR B 219 -11.11 8.05 34.29
CA TYR B 219 -10.69 7.22 33.17
C TYR B 219 -9.19 7.37 32.93
N SER B 220 -8.70 8.60 32.94
CA SER B 220 -7.29 8.87 32.76
C SER B 220 -6.43 8.24 33.87
N ALA B 221 -6.95 8.29 35.09
CA ALA B 221 -6.25 7.69 36.23
C ALA B 221 -6.12 6.19 36.04
N ALA B 222 -7.22 5.56 35.60
CA ALA B 222 -7.23 4.12 35.37
C ALA B 222 -6.31 3.73 34.21
N PHE B 223 -6.32 4.55 33.16
CA PHE B 223 -5.44 4.32 32.02
C PHE B 223 -3.98 4.32 32.47
N GLU B 224 -3.60 5.34 33.25
CA GLU B 224 -2.25 5.43 33.78
C GLU B 224 -1.86 4.22 34.62
N ALA B 225 -2.76 3.79 35.49
CA ALA B 225 -2.49 2.67 36.38
C ALA B 225 -2.28 1.37 35.59
N GLN B 226 -3.06 1.18 34.54
CA GLN B 226 -2.88 0.01 33.68
C GLN B 226 -1.55 0.09 32.93
N LEU B 227 -1.28 1.25 32.35
CA LEU B 227 -0.03 1.45 31.61
C LEU B 227 1.18 1.28 32.54
N ALA B 228 1.05 1.76 33.77
CA ALA B 228 2.13 1.68 34.75
C ALA B 228 2.66 0.26 34.92
N GLN B 229 1.76 -0.71 35.04
CA GLN B 229 2.18 -2.07 35.28
C GLN B 229 2.72 -2.78 34.03
N HIS B 230 2.55 -2.15 32.87
CA HIS B 230 3.03 -2.70 31.61
C HIS B 230 4.18 -1.90 31.00
N ALA B 231 4.52 -0.79 31.63
CA ALA B 231 5.49 0.15 31.05
C ALA B 231 6.75 -0.50 30.50
N GLY B 232 7.34 -1.42 31.26
CA GLY B 232 8.55 -2.08 30.84
C GLY B 232 8.35 -2.98 29.63
N GLU B 233 7.08 -3.20 29.28
CA GLU B 233 6.69 -4.03 28.15
C GLU B 233 6.30 -3.20 26.93
N LEU B 234 6.01 -1.92 27.16
CA LEU B 234 5.36 -1.09 26.16
C LEU B 234 6.31 -0.26 25.30
N ALA B 235 6.20 -0.43 23.99
CA ALA B 235 6.90 0.42 23.05
C ALA B 235 6.14 1.73 22.87
N ALA B 236 4.82 1.64 22.80
CA ALA B 236 4.02 2.81 22.50
C ALA B 236 2.54 2.66 22.84
N VAL B 237 1.89 3.79 23.07
CA VAL B 237 0.44 3.90 23.06
C VAL B 237 0.05 4.35 21.65
N VAL B 238 -0.93 3.68 21.05
CA VAL B 238 -1.39 4.05 19.72
C VAL B 238 -2.89 4.30 19.77
N VAL B 239 -3.31 5.48 19.32
CA VAL B 239 -4.72 5.83 19.31
C VAL B 239 -5.11 6.72 18.13
N GLU B 240 -6.40 6.72 17.81
CA GLU B 240 -6.98 7.70 16.90
C GLU B 240 -7.38 8.89 17.76
N PRO B 241 -6.81 10.07 17.47
CA PRO B 241 -7.11 11.26 18.29
C PRO B 241 -8.49 11.87 18.01
N VAL B 242 -9.27 12.05 19.06
CA VAL B 242 -10.56 12.76 19.03
C VAL B 242 -11.70 11.98 18.38
N VAL B 243 -11.45 11.43 17.20
CA VAL B 243 -12.47 10.68 16.48
C VAL B 243 -12.02 9.25 16.18
N GLN B 244 -12.78 8.28 16.64
CA GLN B 244 -12.58 6.89 16.28
C GLN B 244 -13.52 6.52 15.14
N GLY B 245 -12.97 6.26 13.96
CA GLY B 245 -13.79 6.07 12.77
C GLY B 245 -14.43 4.70 12.64
N ALA B 246 -13.70 3.79 12.01
CA ALA B 246 -14.25 2.48 11.65
C ALA B 246 -14.77 1.71 12.86
N GLY B 247 -14.27 2.03 14.05
CA GLY B 247 -14.68 1.35 15.26
C GLY B 247 -16.01 1.81 15.82
N GLY B 248 -16.64 2.79 15.18
CA GLY B 248 -17.96 3.25 15.60
C GLY B 248 -18.20 4.75 15.60
N MET B 249 -17.37 5.50 14.88
CA MET B 249 -17.57 6.94 14.75
C MET B 249 -17.83 7.62 16.09
N ARG B 250 -17.03 7.29 17.10
CA ARG B 250 -17.16 7.88 18.42
C ARG B 250 -16.24 9.08 18.57
N PHE B 251 -16.70 10.09 19.31
CA PHE B 251 -15.88 11.26 19.60
C PHE B 251 -15.54 11.26 21.08
N HIS B 252 -14.32 11.66 21.42
CA HIS B 252 -13.95 11.82 22.81
C HIS B 252 -13.35 13.20 23.07
N ASP B 253 -13.41 13.63 24.33
CA ASP B 253 -12.90 14.93 24.71
C ASP B 253 -11.40 15.02 24.44
N PRO B 254 -10.96 16.09 23.75
CA PRO B 254 -9.54 16.28 23.43
C PRO B 254 -8.64 16.24 24.68
N ARG B 255 -9.20 16.54 25.84
CA ARG B 255 -8.43 16.56 27.08
C ARG B 255 -7.82 15.20 27.41
N TYR B 256 -8.44 14.13 26.93
CA TYR B 256 -7.87 12.80 27.10
C TYR B 256 -6.52 12.67 26.41
N LEU B 257 -6.36 13.36 25.29
CA LEU B 257 -5.10 13.34 24.54
C LEU B 257 -3.99 14.03 25.33
N HIS B 258 -4.36 15.10 26.03
CA HIS B 258 -3.41 15.80 26.88
C HIS B 258 -2.95 14.87 27.99
N ASP B 259 -3.87 14.11 28.56
CA ASP B 259 -3.53 13.15 29.59
C ASP B 259 -2.61 12.06 29.06
N LEU B 260 -2.93 11.53 27.88
CA LEU B 260 -2.09 10.51 27.27
C LEU B 260 -0.64 11.00 27.09
N ARG B 261 -0.50 12.22 26.56
CA ARG B 261 0.83 12.77 26.33
C ARG B 261 1.61 12.84 27.63
N ASP B 262 0.92 13.22 28.70
CA ASP B 262 1.53 13.34 30.01
C ASP B 262 1.95 11.97 30.55
N ILE B 263 1.03 11.02 30.48
CA ILE B 263 1.28 9.66 30.96
C ILE B 263 2.44 9.02 30.21
N CYS B 264 2.44 9.16 28.89
CA CYS B 264 3.49 8.60 28.06
C CYS B 264 4.85 9.23 28.35
N ARG B 265 4.85 10.55 28.52
CA ARG B 265 6.06 11.27 28.85
C ARG B 265 6.65 10.75 30.16
N ARG B 266 5.80 10.63 31.18
CA ARG B 266 6.26 10.24 32.51
C ARG B 266 6.69 8.78 32.60
N TYR B 267 6.05 7.89 31.87
CA TYR B 267 6.40 6.47 31.93
C TYR B 267 7.31 6.02 30.80
N GLU B 268 7.80 6.98 30.03
CA GLU B 268 8.67 6.68 28.90
C GLU B 268 8.08 5.62 27.97
N VAL B 269 6.90 5.94 27.44
CA VAL B 269 6.28 5.15 26.40
C VAL B 269 6.01 6.11 25.26
N LEU B 270 6.32 5.72 24.03
CA LEU B 270 6.09 6.60 22.89
C LEU B 270 4.59 6.77 22.64
N LEU B 271 4.20 7.94 22.15
CA LEU B 271 2.81 8.19 21.80
C LEU B 271 2.66 8.27 20.29
N ILE B 272 1.80 7.42 19.74
CA ILE B 272 1.54 7.39 18.31
C ILE B 272 0.09 7.79 18.04
N PHE B 273 -0.09 8.81 17.19
CA PHE B 273 -1.41 9.21 16.74
C PHE B 273 -1.68 8.73 15.33
N ASP B 274 -2.77 8.00 15.15
CA ASP B 274 -3.22 7.60 13.82
C ASP B 274 -4.23 8.61 13.30
N GLU B 275 -3.79 9.54 12.46
CA GLU B 275 -4.64 10.59 11.92
C GLU B 275 -5.01 10.33 10.47
N ILE B 276 -4.97 9.06 10.07
CA ILE B 276 -5.29 8.69 8.70
C ILE B 276 -6.69 9.15 8.29
N ALA B 277 -7.64 9.10 9.22
CA ALA B 277 -9.00 9.56 8.94
C ALA B 277 -9.24 11.02 9.35
N THR B 278 -8.57 11.45 10.42
CA THR B 278 -8.87 12.75 11.03
C THR B 278 -8.07 13.91 10.46
N GLY B 279 -7.03 13.61 9.69
CA GLY B 279 -6.13 14.65 9.21
C GLY B 279 -6.71 15.64 8.20
N PHE B 280 -6.00 16.75 8.03
CA PHE B 280 -6.29 17.71 6.97
C PHE B 280 -7.66 18.39 7.08
N GLY B 281 -7.98 18.86 8.29
CA GLY B 281 -9.13 19.72 8.50
C GLY B 281 -10.43 19.04 8.88
N ARG B 282 -10.50 17.73 8.72
CA ARG B 282 -11.76 16.99 8.86
C ARG B 282 -12.54 17.28 10.15
N THR B 283 -11.84 17.37 11.27
CA THR B 283 -12.50 17.51 12.56
C THR B 283 -12.63 18.95 13.05
N GLY B 284 -12.31 19.92 12.20
CA GLY B 284 -12.42 21.32 12.57
C GLY B 284 -11.07 21.94 12.87
N ALA B 285 -10.06 21.10 13.06
CA ALA B 285 -8.68 21.54 13.21
C ALA B 285 -7.86 20.87 12.11
N LEU B 286 -6.69 21.41 11.79
CA LEU B 286 -5.89 20.87 10.71
C LEU B 286 -5.61 19.40 10.96
N PHE B 287 -5.15 19.09 12.18
CA PHE B 287 -5.06 17.71 12.64
C PHE B 287 -5.72 17.60 14.01
N ALA B 288 -6.41 16.50 14.27
CA ALA B 288 -7.18 16.34 15.49
C ALA B 288 -6.34 16.61 16.75
N ALA B 289 -5.07 16.24 16.69
CA ALA B 289 -4.17 16.46 17.81
C ALA B 289 -4.16 17.93 18.21
N ASP B 290 -4.43 18.81 17.24
CA ASP B 290 -4.41 20.24 17.50
C ASP B 290 -5.49 20.69 18.49
N HIS B 291 -6.58 19.93 18.56
CA HIS B 291 -7.65 20.24 19.51
C HIS B 291 -7.13 20.19 20.95
N ALA B 292 -6.10 19.38 21.17
CA ALA B 292 -5.54 19.20 22.50
C ALA B 292 -4.20 19.91 22.62
N GLY B 293 -3.71 20.43 21.49
CA GLY B 293 -2.43 21.12 21.45
C GLY B 293 -1.27 20.21 21.79
N VAL B 294 -1.42 18.92 21.53
CA VAL B 294 -0.36 17.96 21.85
C VAL B 294 0.32 17.41 20.60
N SER B 295 1.60 17.08 20.76
CA SER B 295 2.38 16.46 19.69
C SER B 295 2.72 15.04 20.10
N PRO B 296 2.42 14.07 19.23
CA PRO B 296 2.84 12.70 19.49
C PRO B 296 4.28 12.52 19.06
N ASP B 297 4.88 11.39 19.39
CA ASP B 297 6.24 11.10 18.94
C ASP B 297 6.22 10.61 17.50
N ILE B 298 5.11 9.96 17.13
CA ILE B 298 4.95 9.36 15.81
C ILE B 298 3.52 9.61 15.34
N MET B 299 3.34 9.91 14.06
CA MET B 299 2.02 10.21 13.52
C MET B 299 1.83 9.62 12.12
N CYS B 300 0.65 9.05 11.88
CA CYS B 300 0.30 8.53 10.56
C CYS B 300 -0.74 9.41 9.88
N VAL B 301 -0.54 9.68 8.60
CA VAL B 301 -1.51 10.40 7.78
C VAL B 301 -1.73 9.68 6.45
N GLY B 302 -2.86 9.96 5.81
CA GLY B 302 -3.20 9.34 4.55
C GLY B 302 -4.50 9.91 4.03
N LYS B 303 -5.24 9.12 3.27
CA LYS B 303 -6.59 9.49 2.81
C LYS B 303 -6.65 10.88 2.18
N ALA B 304 -7.11 11.86 2.95
CA ALA B 304 -7.28 13.21 2.44
C ALA B 304 -5.96 13.80 1.92
N LEU B 305 -4.85 13.16 2.30
CA LEU B 305 -3.51 13.59 1.89
C LEU B 305 -3.41 13.84 0.40
N THR B 306 -4.00 12.95 -0.39
CA THR B 306 -3.88 13.01 -1.84
C THR B 306 -5.11 13.61 -2.50
N GLY B 307 -6.03 14.13 -1.70
CA GLY B 307 -7.29 14.62 -2.22
C GLY B 307 -8.11 13.49 -2.82
N GLY B 308 -7.73 12.26 -2.54
CA GLY B 308 -8.50 11.11 -3.00
C GLY B 308 -8.21 10.67 -4.42
N TYR B 309 -7.05 11.08 -4.94
CA TYR B 309 -6.69 10.76 -6.32
C TYR B 309 -5.91 9.46 -6.42
N LEU B 310 -4.91 9.32 -5.55
CA LEU B 310 -4.00 8.19 -5.60
C LEU B 310 -3.72 7.70 -4.19
N SER B 311 -3.24 6.47 -4.08
CA SER B 311 -2.91 5.94 -2.77
C SER B 311 -1.54 6.48 -2.31
N LEU B 312 -1.55 7.10 -1.15
CA LEU B 312 -0.32 7.56 -0.52
C LEU B 312 -0.58 7.71 0.96
N ALA B 313 0.42 7.37 1.75
CA ALA B 313 0.35 7.60 3.19
C ALA B 313 1.71 8.04 3.69
N ALA B 314 1.76 8.58 4.90
CA ALA B 314 3.02 9.03 5.45
C ALA B 314 3.08 8.77 6.95
N THR B 315 4.25 8.39 7.43
CA THR B 315 4.47 8.25 8.85
C THR B 315 5.55 9.25 9.24
N LEU B 316 5.22 10.14 10.18
CA LEU B 316 6.19 11.13 10.65
C LEU B 316 6.68 10.79 12.06
N CYS B 317 7.94 11.11 12.34
CA CYS B 317 8.45 10.96 13.69
C CYS B 317 9.39 12.12 14.05
N THR B 318 9.62 12.30 15.35
CA THR B 318 10.49 13.36 15.84
C THR B 318 11.94 13.09 15.50
N ALA B 319 12.76 14.14 15.55
CA ALA B 319 14.19 14.02 15.31
C ALA B 319 14.82 13.04 16.30
N ASP B 320 14.34 13.05 17.53
CA ASP B 320 14.87 12.15 18.55
C ASP B 320 14.69 10.68 18.18
N VAL B 321 13.49 10.34 17.74
CA VAL B 321 13.20 8.97 17.31
C VAL B 321 14.08 8.57 16.13
N ALA B 322 14.16 9.45 15.13
CA ALA B 322 14.96 9.18 13.94
C ALA B 322 16.43 8.94 14.27
N HIS B 323 16.99 9.84 15.06
CA HIS B 323 18.41 9.74 15.41
C HIS B 323 18.70 8.48 16.21
N THR B 324 17.82 8.14 17.15
CA THR B 324 18.00 6.96 17.97
C THR B 324 17.96 5.68 17.14
N ILE B 325 17.01 5.60 16.21
CA ILE B 325 16.97 4.49 15.28
C ILE B 325 18.23 4.49 14.43
N SER B 326 18.61 5.66 13.92
CA SER B 326 19.77 5.79 13.04
C SER B 326 21.07 5.46 13.76
N ALA B 327 21.13 5.72 15.06
CA ALA B 327 22.33 5.45 15.83
C ALA B 327 22.30 4.03 16.39
N GLY B 328 21.20 3.34 16.18
CA GLY B 328 21.02 1.98 16.70
C GLY B 328 21.85 0.94 15.97
N ALA B 329 21.68 -0.31 16.38
CA ALA B 329 22.47 -1.41 15.84
C ALA B 329 22.20 -1.64 14.36
N ALA B 330 20.94 -1.55 13.95
CA ALA B 330 20.58 -1.70 12.55
C ALA B 330 21.10 -0.52 11.74
N GLY B 331 21.28 0.62 12.40
CA GLY B 331 21.79 1.81 11.74
C GLY B 331 20.81 2.42 10.78
N ALA B 332 19.57 1.94 10.80
CA ALA B 332 18.56 2.44 9.88
C ALA B 332 17.16 1.89 10.19
N LEU B 333 16.15 2.57 9.67
CA LEU B 333 14.77 2.10 9.77
C LEU B 333 14.53 1.02 8.73
N MET B 334 14.25 -0.20 9.16
CA MET B 334 14.21 -1.35 8.26
C MET B 334 12.86 -1.49 7.57
N HIS B 335 12.57 -0.58 6.65
CA HIS B 335 11.36 -0.63 5.85
C HIS B 335 11.58 0.16 4.56
N GLY B 336 10.95 -0.27 3.47
CA GLY B 336 11.12 0.42 2.20
C GLY B 336 10.40 -0.25 1.04
N PRO B 337 9.13 0.13 0.81
CA PRO B 337 8.29 -0.42 -0.25
C PRO B 337 8.77 -0.05 -1.65
N THR B 338 8.46 -0.91 -2.62
CA THR B 338 8.81 -0.69 -4.02
C THR B 338 8.48 0.72 -4.51
N PHE B 339 7.24 1.15 -4.28
CA PHE B 339 6.74 2.41 -4.83
C PHE B 339 6.85 3.56 -3.85
N MET B 340 7.74 3.43 -2.88
CA MET B 340 7.93 4.46 -1.87
C MET B 340 8.08 5.84 -2.49
N ALA B 341 7.33 6.80 -1.98
CA ALA B 341 7.42 8.19 -2.40
C ALA B 341 7.16 8.40 -3.90
N ASN B 342 6.19 7.68 -4.44
CA ASN B 342 5.82 7.83 -5.85
C ASN B 342 5.61 9.29 -6.26
N PRO B 343 6.36 9.77 -7.26
CA PRO B 343 6.30 11.17 -7.69
C PRO B 343 4.89 11.66 -8.07
N LEU B 344 4.12 10.83 -8.76
CA LEU B 344 2.76 11.21 -9.15
C LEU B 344 1.86 11.44 -7.94
N ALA B 345 1.90 10.50 -6.99
CA ALA B 345 1.10 10.60 -5.77
C ALA B 345 1.56 11.79 -4.91
N CYS B 346 2.88 11.99 -4.83
CA CYS B 346 3.42 13.10 -4.06
C CYS B 346 3.01 14.45 -4.67
N ALA B 347 3.06 14.52 -6.00
CA ALA B 347 2.73 15.75 -6.71
C ALA B 347 1.28 16.18 -6.50
N VAL B 348 0.35 15.23 -6.63
CA VAL B 348 -1.06 15.56 -6.41
C VAL B 348 -1.34 15.88 -4.94
N SER B 349 -0.61 15.24 -4.03
CA SER B 349 -0.75 15.51 -2.60
C SER B 349 -0.27 16.92 -2.28
N VAL B 350 0.85 17.33 -2.85
CA VAL B 350 1.36 18.69 -2.66
C VAL B 350 0.27 19.69 -3.03
N ALA B 351 -0.36 19.47 -4.18
CA ALA B 351 -1.39 20.36 -4.67
C ALA B 351 -2.65 20.34 -3.79
N SER B 352 -2.99 19.16 -3.28
CA SER B 352 -4.17 19.04 -2.42
C SER B 352 -3.97 19.80 -1.11
N VAL B 353 -2.78 19.67 -0.54
CA VAL B 353 -2.45 20.33 0.72
C VAL B 353 -2.34 21.84 0.53
N GLU B 354 -1.71 22.25 -0.57
CA GLU B 354 -1.59 23.66 -0.91
C GLU B 354 -2.97 24.28 -1.16
N LEU B 355 -3.82 23.55 -1.88
CA LEU B 355 -5.18 24.01 -2.12
C LEU B 355 -5.92 24.20 -0.80
N LEU B 356 -5.73 23.28 0.14
CA LEU B 356 -6.38 23.36 1.43
C LEU B 356 -5.87 24.55 2.25
N LEU B 357 -4.56 24.74 2.27
CA LEU B 357 -3.94 25.79 3.09
C LEU B 357 -4.12 27.18 2.50
N GLY B 358 -4.38 27.26 1.19
CA GLY B 358 -4.51 28.53 0.51
C GLY B 358 -5.90 29.11 0.57
N GLN B 359 -6.79 28.43 1.29
CA GLN B 359 -8.14 28.93 1.51
C GLN B 359 -8.41 28.99 3.01
N ASP B 360 -9.50 29.65 3.38
CA ASP B 360 -9.91 29.69 4.78
C ASP B 360 -10.66 28.41 5.10
N TRP B 361 -9.90 27.32 5.28
CA TRP B 361 -10.48 26.01 5.49
C TRP B 361 -11.23 25.91 6.82
N ARG B 362 -10.77 26.64 7.83
CA ARG B 362 -11.40 26.57 9.14
C ARG B 362 -12.83 27.09 9.10
N THR B 363 -13.03 28.22 8.43
CA THR B 363 -14.37 28.77 8.25
C THR B 363 -15.24 27.83 7.43
N ARG B 364 -14.67 27.28 6.36
CA ARG B 364 -15.37 26.32 5.53
C ARG B 364 -15.87 25.14 6.38
N ILE B 365 -14.98 24.57 7.19
CA ILE B 365 -15.35 23.43 8.02
C ILE B 365 -16.37 23.81 9.09
N THR B 366 -16.22 24.99 9.67
CA THR B 366 -17.19 25.49 10.65
C THR B 366 -18.58 25.60 10.01
N GLU B 367 -18.63 26.07 8.77
CA GLU B 367 -19.90 26.18 8.05
C GLU B 367 -20.51 24.81 7.79
N LEU B 368 -19.66 23.84 7.44
CA LEU B 368 -20.12 22.48 7.21
C LEU B 368 -20.68 21.87 8.49
N ALA B 369 -19.97 22.07 9.60
CA ALA B 369 -20.38 21.55 10.89
C ALA B 369 -21.74 22.12 11.30
N ALA B 370 -21.92 23.41 11.06
CA ALA B 370 -23.18 24.07 11.36
C ALA B 370 -24.30 23.48 10.50
N GLY B 371 -24.02 23.31 9.21
CA GLY B 371 -24.98 22.71 8.30
C GLY B 371 -25.37 21.30 8.69
N LEU B 372 -24.39 20.51 9.11
CA LEU B 372 -24.67 19.14 9.53
C LEU B 372 -25.53 19.12 10.80
N THR B 373 -25.15 19.92 11.78
CA THR B 373 -25.88 20.01 13.04
C THR B 373 -27.33 20.39 12.79
N ALA B 374 -27.55 21.47 12.04
CA ALA B 374 -28.90 21.93 11.75
C ALA B 374 -29.69 20.87 10.99
N GLY B 375 -29.05 20.24 10.01
CA GLY B 375 -29.72 19.27 9.17
C GLY B 375 -30.06 17.96 9.86
N LEU B 376 -29.30 17.60 10.88
CA LEU B 376 -29.46 16.31 11.56
C LEU B 376 -30.31 16.41 12.83
N ASP B 377 -30.57 17.65 13.27
CA ASP B 377 -31.29 17.87 14.52
C ASP B 377 -32.62 17.11 14.57
N THR B 378 -33.32 17.08 13.45
CA THR B 378 -34.64 16.44 13.38
C THR B 378 -34.59 14.94 13.65
N ALA B 379 -33.41 14.33 13.49
CA ALA B 379 -33.26 12.90 13.69
C ALA B 379 -33.33 12.51 15.17
N ARG B 380 -32.96 13.45 16.04
CA ARG B 380 -32.94 13.19 17.47
C ARG B 380 -34.26 12.60 18.00
N ALA B 381 -35.37 13.08 17.45
CA ALA B 381 -36.69 12.68 17.94
C ALA B 381 -37.17 11.35 17.34
N LEU B 382 -36.45 10.87 16.33
CA LEU B 382 -36.78 9.59 15.71
C LEU B 382 -36.71 8.45 16.72
N PRO B 383 -37.68 7.52 16.66
CA PRO B 383 -37.79 6.42 17.64
C PRO B 383 -36.60 5.46 17.64
N ALA B 384 -35.97 5.23 16.49
CA ALA B 384 -34.87 4.28 16.40
C ALA B 384 -33.49 4.94 16.58
N VAL B 385 -33.50 6.26 16.80
CA VAL B 385 -32.26 7.02 16.91
C VAL B 385 -31.79 7.18 18.35
N THR B 386 -30.58 6.68 18.62
CA THR B 386 -30.00 6.70 19.95
C THR B 386 -29.19 7.96 20.22
N ASP B 387 -28.53 8.46 19.19
CA ASP B 387 -27.70 9.65 19.34
C ASP B 387 -27.48 10.36 18.03
N VAL B 388 -27.27 11.67 18.11
CA VAL B 388 -26.87 12.47 16.96
C VAL B 388 -25.66 13.29 17.37
N ARG B 389 -24.59 13.20 16.58
CA ARG B 389 -23.38 13.92 16.92
C ARG B 389 -22.64 14.44 15.69
N VAL B 390 -22.01 15.59 15.84
CA VAL B 390 -21.28 16.24 14.77
C VAL B 390 -19.94 16.72 15.30
N CYS B 391 -18.88 16.50 14.52
CA CYS B 391 -17.56 17.00 14.85
C CYS B 391 -16.89 17.47 13.57
N GLY B 392 -16.80 18.79 13.40
CA GLY B 392 -16.32 19.36 12.16
C GLY B 392 -17.17 18.88 11.00
N ALA B 393 -16.52 18.48 9.91
CA ALA B 393 -17.25 17.98 8.74
C ALA B 393 -17.54 16.50 8.86
N ILE B 394 -18.01 16.09 10.04
CA ILE B 394 -18.43 14.71 10.29
C ILE B 394 -19.80 14.71 10.98
N GLY B 395 -20.74 13.96 10.43
CA GLY B 395 -22.09 13.90 10.97
C GLY B 395 -22.54 12.47 11.17
N VAL B 396 -23.07 12.17 12.35
CA VAL B 396 -23.41 10.78 12.70
C VAL B 396 -24.80 10.66 13.34
N ILE B 397 -25.61 9.78 12.78
CA ILE B 397 -26.83 9.34 13.45
C ILE B 397 -26.62 7.92 13.93
N GLU B 398 -26.59 7.74 15.24
CA GLU B 398 -26.46 6.41 15.83
C GLU B 398 -27.84 5.81 16.07
N CYS B 399 -28.08 4.63 15.51
CA CYS B 399 -29.40 3.98 15.60
C CYS B 399 -29.41 2.85 16.60
N ASP B 400 -30.61 2.39 16.96
CA ASP B 400 -30.78 1.40 18.01
C ASP B 400 -30.58 -0.03 17.51
N ARG B 401 -30.37 -0.16 16.21
CA ARG B 401 -30.18 -1.48 15.60
C ARG B 401 -29.28 -1.35 14.37
N PRO B 402 -28.65 -2.46 13.95
CA PRO B 402 -27.83 -2.40 12.74
C PRO B 402 -28.68 -1.91 11.57
N VAL B 403 -28.09 -1.07 10.72
CA VAL B 403 -28.82 -0.52 9.58
C VAL B 403 -28.78 -1.46 8.38
N ASP B 404 -29.97 -1.80 7.87
CA ASP B 404 -30.08 -2.70 6.74
C ASP B 404 -29.76 -1.97 5.43
N LEU B 405 -28.70 -2.39 4.76
CA LEU B 405 -28.25 -1.74 3.53
C LEU B 405 -29.26 -1.87 2.40
N ALA B 406 -30.00 -2.98 2.37
CA ALA B 406 -30.98 -3.20 1.32
C ALA B 406 -32.10 -2.16 1.35
N VAL B 407 -32.33 -1.57 2.52
CA VAL B 407 -33.34 -0.53 2.66
C VAL B 407 -32.74 0.86 2.57
N ALA B 408 -31.61 1.06 3.25
CA ALA B 408 -30.97 2.37 3.32
C ALA B 408 -30.45 2.84 1.97
N THR B 409 -29.87 1.93 1.20
CA THR B 409 -29.26 2.28 -0.07
C THR B 409 -30.26 2.87 -1.08
N PRO B 410 -31.37 2.16 -1.36
CA PRO B 410 -32.37 2.75 -2.25
C PRO B 410 -32.95 4.05 -1.70
N ALA B 411 -33.20 4.11 -0.39
CA ALA B 411 -33.71 5.32 0.24
C ALA B 411 -32.81 6.52 -0.04
N ALA B 412 -31.50 6.28 0.05
CA ALA B 412 -30.52 7.33 -0.18
C ALA B 412 -30.43 7.69 -1.66
N LEU B 413 -30.35 6.68 -2.51
CA LEU B 413 -30.30 6.90 -3.96
C LEU B 413 -31.53 7.67 -4.43
N ASP B 414 -32.70 7.28 -3.92
CA ASP B 414 -33.95 7.95 -4.28
C ASP B 414 -33.89 9.44 -4.00
N ARG B 415 -33.00 9.84 -3.11
CA ARG B 415 -32.89 11.24 -2.73
C ARG B 415 -31.61 11.88 -3.27
N GLY B 416 -30.95 11.17 -4.18
CA GLY B 416 -29.79 11.70 -4.89
C GLY B 416 -28.56 11.80 -4.01
N VAL B 417 -28.40 10.84 -3.09
CA VAL B 417 -27.27 10.86 -2.17
C VAL B 417 -26.68 9.47 -2.02
N TRP B 418 -25.36 9.37 -2.13
CA TRP B 418 -24.69 8.10 -1.87
C TRP B 418 -24.26 8.03 -0.41
N LEU B 419 -24.95 7.16 0.34
CA LEU B 419 -24.62 6.92 1.74
C LEU B 419 -24.19 5.47 1.90
N ARG B 420 -23.22 5.24 2.77
CA ARG B 420 -22.78 3.89 3.08
C ARG B 420 -22.80 3.70 4.58
N PRO B 421 -23.97 3.33 5.12
CA PRO B 421 -24.06 3.05 6.56
C PRO B 421 -23.18 1.86 6.94
N PHE B 422 -22.78 1.80 8.20
CA PHE B 422 -22.00 0.68 8.73
CA PHE B 422 -22.09 0.62 8.69
C PHE B 422 -22.50 0.36 10.13
N ARG B 423 -22.58 -0.91 10.49
CA ARG B 423 -23.21 -1.33 11.74
C ARG B 423 -24.50 -0.53 11.98
N ASN B 424 -24.60 0.13 13.13
CA ASN B 424 -25.80 0.88 13.47
C ASN B 424 -25.69 2.38 13.17
N LEU B 425 -24.77 2.74 12.28
CA LEU B 425 -24.50 4.16 12.05
C LEU B 425 -24.91 4.63 10.65
N VAL B 426 -25.61 5.75 10.61
CA VAL B 426 -25.83 6.47 9.36
C VAL B 426 -25.01 7.74 9.45
N TYR B 427 -23.98 7.85 8.61
CA TYR B 427 -23.04 8.95 8.78
C TYR B 427 -22.53 9.51 7.46
N ALA B 428 -21.93 10.69 7.54
CA ALA B 428 -21.41 11.36 6.36
C ALA B 428 -20.17 12.17 6.71
N MET B 429 -19.24 12.23 5.76
CA MET B 429 -18.08 13.11 5.86
C MET B 429 -17.95 13.78 4.50
N PRO B 430 -18.73 14.85 4.27
CA PRO B 430 -18.85 15.45 2.95
C PRO B 430 -17.58 16.15 2.49
N PRO B 431 -17.40 16.25 1.17
CA PRO B 431 -16.31 17.05 0.60
C PRO B 431 -16.42 18.50 1.10
N TYR B 432 -15.28 19.16 1.26
CA TYR B 432 -15.27 20.51 1.82
C TYR B 432 -15.93 21.52 0.88
N ILE B 433 -16.11 21.12 -0.37
CA ILE B 433 -16.68 22.01 -1.38
C ILE B 433 -18.21 21.95 -1.45
N CYS B 434 -18.82 21.14 -0.60
CA CYS B 434 -20.27 21.04 -0.58
C CYS B 434 -20.93 22.35 -0.18
N THR B 435 -21.85 22.83 -1.01
CA THR B 435 -22.62 24.03 -0.71
C THR B 435 -23.62 23.72 0.39
N PRO B 436 -24.16 24.77 1.03
CA PRO B 436 -25.19 24.58 2.06
C PRO B 436 -26.36 23.73 1.56
N ALA B 437 -26.82 23.99 0.34
CA ALA B 437 -27.93 23.24 -0.24
C ALA B 437 -27.60 21.76 -0.36
N GLU B 438 -26.35 21.46 -0.68
CA GLU B 438 -25.92 20.07 -0.85
C GLU B 438 -25.83 19.36 0.51
N ILE B 439 -25.40 20.09 1.53
CA ILE B 439 -25.36 19.54 2.88
C ILE B 439 -26.77 19.24 3.36
N THR B 440 -27.69 20.17 3.08
CA THR B 440 -29.09 19.97 3.41
C THR B 440 -29.64 18.73 2.73
N GLN B 441 -29.30 18.55 1.46
CA GLN B 441 -29.72 17.36 0.73
C GLN B 441 -29.15 16.10 1.38
N ILE B 442 -27.88 16.16 1.77
CA ILE B 442 -27.25 15.02 2.42
C ILE B 442 -27.91 14.69 3.75
N THR B 443 -28.11 15.70 4.60
CA THR B 443 -28.68 15.46 5.92
C THR B 443 -30.13 15.00 5.86
N SER B 444 -30.91 15.52 4.92
CA SER B 444 -32.30 15.09 4.79
C SER B 444 -32.38 13.63 4.33
N ALA B 445 -31.43 13.22 3.51
CA ALA B 445 -31.35 11.82 3.09
C ALA B 445 -30.98 10.94 4.27
N MET B 446 -30.03 11.39 5.09
CA MET B 446 -29.62 10.68 6.29
C MET B 446 -30.80 10.52 7.26
N VAL B 447 -31.53 11.61 7.46
CA VAL B 447 -32.71 11.59 8.33
C VAL B 447 -33.76 10.59 7.85
N GLU B 448 -34.02 10.57 6.55
CA GLU B 448 -35.02 9.65 6.01
C GLU B 448 -34.58 8.19 6.10
N VAL B 449 -33.26 7.97 6.07
CA VAL B 449 -32.72 6.64 6.27
C VAL B 449 -32.96 6.19 7.70
N ALA B 450 -32.68 7.09 8.64
CA ALA B 450 -32.88 6.80 10.06
C ALA B 450 -34.36 6.53 10.34
N ARG B 451 -35.23 7.25 9.64
CA ARG B 451 -36.67 7.11 9.79
C ARG B 451 -37.12 5.71 9.33
N LEU B 452 -36.47 5.17 8.30
CA LEU B 452 -36.84 3.87 7.77
C LEU B 452 -36.40 2.76 8.70
N VAL B 453 -35.54 3.10 9.65
CA VAL B 453 -35.03 2.16 10.64
C VAL B 453 -35.79 2.28 11.95
#